data_6O23
#
_entry.id   6O23
#
_cell.length_a   79.148
_cell.length_b   67.900
_cell.length_c   100.357
_cell.angle_alpha   90.00
_cell.angle_beta   106.20
_cell.angle_gamma   90.00
#
_symmetry.space_group_name_H-M   'P 1 21 1'
#
loop_
_entity.id
_entity.type
_entity.pdbx_description
1 polymer '2243 Fab heavy chain'
2 polymer '2243 kappa light chain'
3 polymer 'Circumsporozoite protein'
4 non-polymer 1,2-ETHANEDIOL
5 non-polymer 'SULFATE ION'
6 non-polymer 2-AMINO-2-HYDROXYMETHYL-PROPANE-1,3-DIOL
7 water water
#
loop_
_entity_poly.entity_id
_entity_poly.type
_entity_poly.pdbx_seq_one_letter_code
_entity_poly.pdbx_strand_id
1 'polypeptide(L)'
;QVQLVESGGGVVQPGRSLRLSCAASGFTFSSYGMHWVRQAPGKGLEWVAVIWYDGSNKYYADSVKGRFTISRDNSKNTLY
LQMNSLRAEDTAVYYCARALDDASSTSCCALDYWGQGTLVTVSSASTKGPSVFPLAPSSKSTSGGTAALGCLVKDYFPEP
VTVSWNSGALTSGVHTFPAVLQSSGLYSLSSVVTVPSSSLGTQTYICNVNHKPSNTKVDKRVEPKSC
;
A,C
2 'polypeptide(L)'
;DIQMTQSPSTLSASVGDRVTITCRASQSISSWLAWYQQKPGKAPKLLIYKASSLESGVPSRFSGSGSGTEFTLTISSLQP
DDFATYYCQQYNSYFTFGPGTKVDIKRTVAAPSVFIFPPSDEQLKSGTASVVCLLNNFYPREAKVQWKVDNALQSGNSQE
SVTEQDSKDSTYSLSSTLTLSKADYEKHKVYACEVTHQGLSSPVTKSFNRGEC
;
B,D
3 'polypeptide(L)' NANPNANPNANPNANPNANP E
#
# COMPACT_ATOMS: atom_id res chain seq x y z
N GLN A 1 -0.31 -40.99 -4.36
CA GLN A 1 -0.83 -40.14 -3.30
C GLN A 1 -1.50 -38.88 -3.85
N VAL A 2 -1.08 -37.71 -3.35
CA VAL A 2 -1.65 -36.44 -3.79
C VAL A 2 -1.41 -36.27 -5.29
N GLN A 3 -2.48 -35.98 -6.02
CA GLN A 3 -2.41 -35.81 -7.47
C GLN A 3 -3.23 -34.61 -7.88
N LEU A 4 -2.66 -33.79 -8.77
CA LEU A 4 -3.35 -32.64 -9.35
C LEU A 4 -3.10 -32.71 -10.87
N VAL A 5 -4.12 -33.12 -11.62
CA VAL A 5 -3.98 -33.37 -13.05
C VAL A 5 -4.74 -32.28 -13.80
N GLU A 6 -4.04 -31.53 -14.63
CA GLU A 6 -4.60 -30.37 -15.31
C GLU A 6 -4.91 -30.69 -16.77
N SER A 7 -5.84 -29.92 -17.32
CA SER A 7 -6.18 -29.97 -18.73
C SER A 7 -6.90 -28.68 -19.10
N GLY A 8 -7.07 -28.47 -20.41
CA GLY A 8 -7.86 -27.37 -20.92
C GLY A 8 -7.08 -26.29 -21.65
N GLY A 9 -5.76 -26.29 -21.53
CA GLY A 9 -4.96 -25.30 -22.23
C GLY A 9 -4.97 -25.52 -23.74
N GLY A 10 -4.62 -24.47 -24.47
CA GLY A 10 -4.57 -24.56 -25.91
C GLY A 10 -4.08 -23.27 -26.53
N VAL A 11 -4.11 -23.24 -27.85
CA VAL A 11 -3.69 -22.09 -28.63
C VAL A 11 -4.94 -21.37 -29.14
N VAL A 12 -5.08 -20.09 -28.84
CA VAL A 12 -6.23 -19.30 -29.25
C VAL A 12 -5.76 -17.89 -29.60
N GLN A 13 -6.67 -17.13 -30.19
CA GLN A 13 -6.43 -15.73 -30.55
C GLN A 13 -6.91 -14.82 -29.44
N PRO A 14 -6.39 -13.59 -29.37
CA PRO A 14 -6.85 -12.66 -28.34
C PRO A 14 -8.37 -12.47 -28.43
N GLY A 15 -8.99 -12.32 -27.27
CA GLY A 15 -10.42 -12.19 -27.18
C GLY A 15 -11.17 -13.50 -27.02
N ARG A 16 -10.57 -14.62 -27.40
CA ARG A 16 -11.25 -15.90 -27.24
C ARG A 16 -11.25 -16.32 -25.78
N SER A 17 -11.95 -17.42 -25.50
CA SER A 17 -12.13 -17.93 -24.16
C SER A 17 -11.52 -19.32 -24.02
N LEU A 18 -11.13 -19.65 -22.79
CA LEU A 18 -10.57 -20.96 -22.48
C LEU A 18 -10.92 -21.29 -21.05
N ARG A 19 -11.11 -22.58 -20.77
CA ARG A 19 -11.47 -23.05 -19.44
C ARG A 19 -10.49 -24.13 -19.03
N LEU A 20 -9.74 -23.87 -17.97
CA LEU A 20 -8.77 -24.83 -17.44
C LEU A 20 -9.40 -25.65 -16.33
N SER A 21 -8.93 -26.89 -16.18
CA SER A 21 -9.42 -27.82 -15.18
C SER A 21 -8.25 -28.38 -14.40
N CYS A 22 -8.51 -28.71 -13.14
CA CYS A 22 -7.52 -29.31 -12.25
C CYS A 22 -8.25 -30.39 -11.45
N ALA A 23 -8.01 -31.65 -11.81
CA ALA A 23 -8.66 -32.78 -11.16
C ALA A 23 -7.79 -33.30 -10.03
N ALA A 24 -8.30 -33.25 -8.80
CA ALA A 24 -7.53 -33.63 -7.63
C ALA A 24 -7.90 -35.05 -7.18
N SER A 25 -6.93 -35.69 -6.52
CA SER A 25 -7.16 -36.98 -5.87
C SER A 25 -6.03 -37.20 -4.87
N GLY A 26 -6.24 -38.18 -3.99
CA GLY A 26 -5.26 -38.51 -2.97
C GLY A 26 -5.34 -37.68 -1.70
N PHE A 27 -6.28 -36.75 -1.62
CA PHE A 27 -6.50 -35.97 -0.41
C PHE A 27 -7.95 -35.49 -0.43
N THR A 28 -8.37 -34.88 0.68
CA THR A 28 -9.74 -34.36 0.78
C THR A 28 -9.77 -32.99 0.13
N PHE A 29 -10.05 -32.98 -1.18
CA PHE A 29 -10.06 -31.75 -1.96
C PHE A 29 -10.95 -30.68 -1.31
N SER A 30 -12.10 -31.08 -0.79
CA SER A 30 -13.06 -30.12 -0.25
C SER A 30 -12.57 -29.39 0.99
N SER A 31 -11.48 -29.84 1.62
CA SER A 31 -10.97 -29.21 2.83
C SER A 31 -9.92 -28.13 2.55
N TYR A 32 -9.51 -27.96 1.30
CA TYR A 32 -8.35 -27.14 0.96
C TYR A 32 -8.73 -25.98 0.06
N GLY A 33 -8.21 -24.79 0.40
CA GLY A 33 -8.17 -23.71 -0.57
C GLY A 33 -7.18 -24.02 -1.68
N MET A 34 -7.46 -23.47 -2.87
CA MET A 34 -6.67 -23.79 -4.05
C MET A 34 -6.30 -22.50 -4.80
N HIS A 35 -5.17 -22.55 -5.50
CA HIS A 35 -4.60 -21.41 -6.21
C HIS A 35 -4.33 -21.76 -7.66
N TRP A 36 -4.33 -20.73 -8.50
CA TRP A 36 -3.76 -20.81 -9.85
C TRP A 36 -2.53 -19.92 -9.90
N VAL A 37 -1.46 -20.43 -10.49
CA VAL A 37 -0.20 -19.69 -10.67
C VAL A 37 0.26 -19.94 -12.11
N ARG A 38 0.78 -18.90 -12.76
CA ARG A 38 1.21 -19.03 -14.15
C ARG A 38 2.68 -18.66 -14.29
N GLN A 39 3.25 -19.09 -15.42
CA GLN A 39 4.66 -18.87 -15.71
C GLN A 39 4.81 -18.66 -17.21
N ALA A 40 5.09 -17.42 -17.61
CA ALA A 40 5.28 -17.12 -19.02
C ALA A 40 6.61 -17.71 -19.50
N PRO A 41 6.74 -17.99 -20.80
CA PRO A 41 7.96 -18.62 -21.31
C PRO A 41 9.22 -17.85 -20.93
N GLY A 42 10.16 -18.55 -20.30
CA GLY A 42 11.40 -17.95 -19.86
C GLY A 42 11.28 -16.97 -18.72
N LYS A 43 10.15 -16.95 -18.03
CA LYS A 43 9.91 -15.97 -16.97
C LYS A 43 9.65 -16.71 -15.65
N GLY A 44 9.40 -15.91 -14.62
CA GLY A 44 9.16 -16.43 -13.29
C GLY A 44 7.70 -16.75 -13.03
N LEU A 45 7.37 -16.88 -11.76
CA LEU A 45 6.04 -17.29 -11.32
C LEU A 45 5.18 -16.08 -10.98
N GLU A 46 3.91 -16.14 -11.34
CA GLU A 46 2.97 -15.06 -11.08
C GLU A 46 1.68 -15.66 -10.55
N TRP A 47 1.30 -15.26 -9.33
CA TRP A 47 0.04 -15.71 -8.75
C TRP A 47 -1.13 -15.18 -9.57
N VAL A 48 -2.17 -16.00 -9.71
CA VAL A 48 -3.34 -15.69 -10.53
C VAL A 48 -4.60 -15.53 -9.70
N ALA A 49 -4.94 -16.55 -8.90
CA ALA A 49 -6.18 -16.47 -8.14
C ALA A 49 -6.15 -17.49 -7.00
N VAL A 50 -7.02 -17.26 -6.02
CA VAL A 50 -7.22 -18.19 -4.90
C VAL A 50 -8.71 -18.35 -4.67
N ILE A 51 -9.11 -19.54 -4.22
CA ILE A 51 -10.50 -19.81 -3.87
C ILE A 51 -10.54 -20.58 -2.56
N TRP A 52 -11.48 -20.22 -1.68
CA TRP A 52 -11.66 -20.88 -0.41
C TRP A 52 -12.11 -22.33 -0.60
N TYR A 53 -11.92 -23.13 0.45
CA TYR A 53 -12.30 -24.54 0.39
C TYR A 53 -13.77 -24.71 0.01
N ASP A 54 -14.64 -23.85 0.52
CA ASP A 54 -16.07 -23.92 0.25
C ASP A 54 -16.49 -23.06 -0.94
N GLY A 55 -15.52 -22.49 -1.65
CA GLY A 55 -15.80 -21.67 -2.80
C GLY A 55 -16.29 -20.27 -2.50
N SER A 56 -16.41 -19.91 -1.22
CA SER A 56 -17.00 -18.63 -0.86
C SER A 56 -16.12 -17.47 -1.31
N ASN A 57 -14.96 -17.30 -0.69
CA ASN A 57 -14.09 -16.18 -0.99
C ASN A 57 -13.18 -16.49 -2.17
N LYS A 58 -12.98 -15.49 -3.01
CA LYS A 58 -12.10 -15.58 -4.17
C LYS A 58 -11.32 -14.27 -4.29
N TYR A 59 -10.07 -14.37 -4.70
CA TYR A 59 -9.24 -13.19 -4.92
C TYR A 59 -8.43 -13.39 -6.19
N TYR A 60 -8.14 -12.28 -6.87
CA TYR A 60 -7.49 -12.34 -8.17
C TYR A 60 -6.32 -11.37 -8.22
N ALA A 61 -5.36 -11.66 -9.08
CA ALA A 61 -4.32 -10.68 -9.39
C ALA A 61 -4.92 -9.55 -10.21
N ASP A 62 -4.36 -8.35 -10.06
CA ASP A 62 -4.87 -7.19 -10.78
C ASP A 62 -4.89 -7.41 -12.29
N SER A 63 -3.92 -8.16 -12.81
CA SER A 63 -3.80 -8.33 -14.26
C SER A 63 -4.92 -9.16 -14.86
N VAL A 64 -5.65 -9.92 -14.05
CA VAL A 64 -6.70 -10.79 -14.56
C VAL A 64 -8.08 -10.42 -14.03
N LYS A 65 -8.18 -9.44 -13.13
CA LYS A 65 -9.46 -9.07 -12.55
C LYS A 65 -10.43 -8.63 -13.63
N GLY A 66 -11.66 -9.13 -13.56
CA GLY A 66 -12.68 -8.83 -14.54
C GLY A 66 -12.60 -9.64 -15.82
N ARG A 67 -11.62 -10.54 -15.94
CA ARG A 67 -11.49 -11.41 -17.10
C ARG A 67 -11.48 -12.89 -16.72
N PHE A 68 -10.79 -13.24 -15.64
CA PHE A 68 -10.67 -14.62 -15.19
C PHE A 68 -11.58 -14.85 -13.99
N THR A 69 -12.15 -16.05 -13.92
CA THR A 69 -12.99 -16.45 -12.80
C THR A 69 -12.52 -17.81 -12.30
N ILE A 70 -12.23 -17.89 -11.01
CA ILE A 70 -11.86 -19.14 -10.38
C ILE A 70 -13.11 -19.76 -9.77
N SER A 71 -13.23 -21.08 -9.89
CA SER A 71 -14.35 -21.80 -9.29
C SER A 71 -13.91 -23.21 -8.98
N ARG A 72 -14.80 -23.97 -8.32
CA ARG A 72 -14.48 -25.35 -7.97
C ARG A 72 -15.77 -26.15 -7.89
N ASP A 73 -15.65 -27.45 -8.11
CA ASP A 73 -16.74 -28.40 -7.95
C ASP A 73 -16.23 -29.47 -6.98
N ASN A 74 -16.63 -29.36 -5.71
CA ASN A 74 -16.10 -30.26 -4.70
C ASN A 74 -16.61 -31.68 -4.89
N SER A 75 -17.83 -31.86 -5.40
CA SER A 75 -18.31 -33.21 -5.67
C SER A 75 -17.48 -33.88 -6.76
N LYS A 76 -16.99 -33.11 -7.73
CA LYS A 76 -16.12 -33.65 -8.76
C LYS A 76 -14.63 -33.50 -8.42
N ASN A 77 -14.31 -32.96 -7.24
CA ASN A 77 -12.92 -32.76 -6.81
C ASN A 77 -12.11 -32.05 -7.88
N THR A 78 -12.71 -31.03 -8.50
CA THR A 78 -12.10 -30.35 -9.63
C THR A 78 -12.07 -28.84 -9.38
N LEU A 79 -10.95 -28.22 -9.73
CA LEU A 79 -10.76 -26.78 -9.70
C LEU A 79 -10.81 -26.24 -11.13
N TYR A 80 -11.39 -25.06 -11.31
CA TYR A 80 -11.53 -24.49 -12.64
C TYR A 80 -10.94 -23.09 -12.70
N LEU A 81 -10.54 -22.68 -13.91
CA LEU A 81 -10.18 -21.30 -14.20
C LEU A 81 -10.82 -20.94 -15.53
N GLN A 82 -11.84 -20.08 -15.49
CA GLN A 82 -12.50 -19.59 -16.69
C GLN A 82 -11.76 -18.34 -17.14
N MET A 83 -11.18 -18.38 -18.33
CA MET A 83 -10.36 -17.29 -18.85
C MET A 83 -11.07 -16.68 -20.05
N ASN A 84 -11.69 -15.53 -19.85
CA ASN A 84 -12.32 -14.75 -20.90
C ASN A 84 -11.43 -13.60 -21.32
N SER A 85 -11.67 -13.11 -22.54
CA SER A 85 -11.00 -11.92 -23.06
C SER A 85 -9.48 -12.08 -22.99
N LEU A 86 -9.00 -13.22 -23.45
CA LEU A 86 -7.59 -13.54 -23.34
C LEU A 86 -6.74 -12.55 -24.13
N ARG A 87 -5.56 -12.26 -23.60
CA ARG A 87 -4.58 -11.38 -24.22
C ARG A 87 -3.30 -12.15 -24.48
N ALA A 88 -2.52 -11.66 -25.44
CA ALA A 88 -1.21 -12.28 -25.71
C ALA A 88 -0.38 -12.39 -24.45
N GLU A 89 -0.49 -11.41 -23.56
CA GLU A 89 0.25 -11.40 -22.30
C GLU A 89 -0.20 -12.49 -21.33
N ASP A 90 -1.30 -13.18 -21.61
CA ASP A 90 -1.72 -14.30 -20.77
C ASP A 90 -1.04 -15.61 -21.16
N THR A 91 -0.19 -15.58 -22.18
CA THR A 91 0.55 -16.77 -22.62
C THR A 91 1.45 -17.26 -21.51
N ALA A 92 1.23 -18.49 -21.04
CA ALA A 92 1.99 -19.03 -19.93
C ALA A 92 1.62 -20.49 -19.73
N VAL A 93 2.42 -21.18 -18.94
CA VAL A 93 1.99 -22.44 -18.34
C VAL A 93 1.25 -22.09 -17.06
N TYR A 94 0.05 -22.64 -16.90
CA TYR A 94 -0.78 -22.38 -15.73
C TYR A 94 -0.75 -23.61 -14.81
N TYR A 95 -0.44 -23.37 -13.54
CA TYR A 95 -0.39 -24.41 -12.52
C TYR A 95 -1.53 -24.21 -11.52
N CYS A 96 -2.20 -25.29 -11.16
CA CYS A 96 -3.01 -25.30 -9.95
C CYS A 96 -2.15 -25.76 -8.79
N ALA A 97 -2.45 -25.27 -7.59
CA ALA A 97 -1.62 -25.58 -6.43
C ALA A 97 -2.47 -25.58 -5.17
N ARG A 98 -2.13 -26.47 -4.24
CA ARG A 98 -2.86 -26.61 -2.99
C ARG A 98 -2.28 -25.68 -1.94
N ALA A 99 -3.15 -25.04 -1.16
CA ALA A 99 -2.70 -24.24 -0.03
C ALA A 99 -2.17 -25.14 1.08
N LEU A 100 -0.96 -24.85 1.55
CA LEU A 100 -0.39 -25.62 2.64
C LEU A 100 -1.14 -25.37 3.94
N ASP A 101 -1.44 -26.45 4.67
CA ASP A 101 -2.12 -26.36 5.96
C ASP A 101 -1.06 -26.24 7.06
N ASP A 102 -1.02 -25.07 7.71
CA ASP A 102 -0.06 -24.77 8.77
C ASP A 102 -0.85 -24.21 9.95
N ALA A 103 -1.23 -25.08 10.89
CA ALA A 103 -2.17 -24.70 11.93
C ALA A 103 -1.68 -23.52 12.75
N SER A 104 -0.38 -23.44 13.00
CA SER A 104 0.16 -22.37 13.83
C SER A 104 0.30 -21.04 13.09
N SER A 105 0.07 -21.01 11.78
CA SER A 105 0.27 -19.80 11.00
C SER A 105 -0.99 -18.94 11.00
N THR A 106 -0.81 -17.62 11.07
CA THR A 106 -1.90 -16.66 10.97
C THR A 106 -1.91 -15.93 9.64
N SER A 107 -1.07 -16.35 8.70
CA SER A 107 -1.08 -15.84 7.34
C SER A 107 -0.92 -17.00 6.37
N CYS A 108 -1.41 -16.80 5.15
CA CYS A 108 -1.48 -17.85 4.15
CA CYS A 108 -1.49 -17.85 4.15
C CYS A 108 -1.28 -17.21 2.78
N CYS A 109 -0.76 -17.99 1.81
CA CYS A 109 -0.39 -19.40 1.87
C CYS A 109 0.99 -19.69 1.28
N ALA A 110 1.59 -20.79 1.74
CA ALA A 110 2.55 -21.49 0.90
C ALA A 110 1.81 -22.57 0.11
N LEU A 111 2.43 -23.05 -0.96
CA LEU A 111 1.79 -23.97 -1.89
C LEU A 111 2.55 -25.29 -1.90
N ASP A 112 1.99 -26.31 -1.26
CA ASP A 112 2.76 -27.52 -0.98
C ASP A 112 2.63 -28.59 -2.04
N TYR A 113 1.65 -28.50 -2.94
CA TYR A 113 1.49 -29.46 -4.03
C TYR A 113 1.02 -28.73 -5.27
N TRP A 114 1.67 -28.99 -6.40
CA TRP A 114 1.42 -28.30 -7.66
C TRP A 114 1.03 -29.29 -8.74
N GLY A 115 0.14 -28.87 -9.64
CA GLY A 115 -0.16 -29.66 -10.81
C GLY A 115 0.98 -29.63 -11.82
N GLN A 116 0.86 -30.48 -12.84
CA GLN A 116 1.89 -30.56 -13.88
C GLN A 116 1.87 -29.37 -14.82
N GLY A 117 0.82 -28.57 -14.81
CA GLY A 117 0.75 -27.41 -15.69
C GLY A 117 0.05 -27.70 -17.00
N THR A 118 -0.64 -26.70 -17.52
CA THR A 118 -1.26 -26.78 -18.83
C THR A 118 -0.94 -25.50 -19.59
N LEU A 119 -0.58 -25.64 -20.87
CA LEU A 119 -0.01 -24.54 -21.65
C LEU A 119 -1.12 -23.74 -22.33
N VAL A 120 -1.13 -22.43 -22.09
CA VAL A 120 -2.06 -21.50 -22.73
C VAL A 120 -1.25 -20.56 -23.62
N THR A 121 -1.51 -20.62 -24.93
CA THR A 121 -0.87 -19.74 -25.90
C THR A 121 -1.92 -18.83 -26.53
N VAL A 122 -1.71 -17.53 -26.42
CA VAL A 122 -2.63 -16.54 -26.98
C VAL A 122 -1.86 -15.70 -27.99
N SER A 123 -2.29 -15.74 -29.25
CA SER A 123 -1.57 -15.01 -30.29
C SER A 123 -2.50 -14.75 -31.46
N SER A 124 -2.26 -13.62 -32.14
CA SER A 124 -2.95 -13.32 -33.39
C SER A 124 -2.44 -14.13 -34.57
N ALA A 125 -1.31 -14.82 -34.41
CA ALA A 125 -0.75 -15.63 -35.48
C ALA A 125 -1.67 -16.79 -35.82
N SER A 126 -1.57 -17.27 -37.05
CA SER A 126 -2.33 -18.42 -37.51
C SER A 126 -1.40 -19.60 -37.78
N THR A 127 -1.98 -20.80 -37.68
CA THR A 127 -1.21 -22.03 -37.87
C THR A 127 -0.45 -22.01 -39.19
N LYS A 128 0.84 -22.36 -39.14
CA LYS A 128 1.69 -22.35 -40.33
C LYS A 128 2.77 -23.40 -40.17
N GLY A 129 2.95 -24.23 -41.20
CA GLY A 129 4.00 -25.22 -41.19
C GLY A 129 5.37 -24.60 -41.41
N PRO A 130 6.40 -25.21 -40.85
CA PRO A 130 7.76 -24.69 -41.03
C PRO A 130 8.35 -25.03 -42.39
N SER A 131 9.28 -24.19 -42.82
CA SER A 131 10.18 -24.52 -43.92
C SER A 131 11.45 -25.11 -43.32
N VAL A 132 11.90 -26.24 -43.88
CA VAL A 132 13.02 -27.00 -43.33
C VAL A 132 14.16 -26.91 -44.32
N PHE A 133 15.27 -26.31 -43.90
CA PHE A 133 16.37 -26.11 -44.81
C PHE A 133 17.63 -26.78 -44.29
N PRO A 134 18.46 -27.34 -45.17
CA PRO A 134 19.70 -27.99 -44.71
C PRO A 134 20.69 -26.96 -44.19
N LEU A 135 21.38 -27.30 -43.10
CA LEU A 135 22.61 -26.61 -42.70
C LEU A 135 23.80 -27.51 -43.04
N ALA A 136 24.31 -27.35 -44.26
CA ALA A 136 25.20 -28.34 -44.84
C ALA A 136 26.59 -28.27 -44.22
N PRO A 137 27.23 -29.40 -43.93
CA PRO A 137 28.59 -29.33 -43.41
C PRO A 137 29.62 -29.13 -44.53
N SER A 138 30.78 -28.64 -44.13
CA SER A 138 31.91 -28.54 -45.03
C SER A 138 32.59 -29.90 -45.15
N SER A 139 32.82 -30.34 -46.39
CA SER A 139 33.54 -31.59 -46.65
C SER A 139 35.06 -31.40 -46.65
N LYS A 140 35.55 -30.23 -46.24
CA LYS A 140 36.98 -30.01 -46.15
C LYS A 140 37.62 -30.96 -45.15
N SER A 141 38.79 -31.48 -45.50
CA SER A 141 39.50 -32.39 -44.62
C SER A 141 40.01 -31.65 -43.38
N THR A 142 39.75 -32.21 -42.20
CA THR A 142 40.24 -31.67 -40.95
C THR A 142 41.08 -32.69 -40.18
N SER A 143 41.60 -33.70 -40.87
CA SER A 143 42.32 -34.83 -40.26
C SER A 143 41.36 -35.53 -39.30
N GLY A 144 41.66 -35.62 -38.01
CA GLY A 144 40.73 -36.23 -37.09
C GLY A 144 39.82 -35.24 -36.40
N GLY A 145 39.34 -34.25 -37.16
CA GLY A 145 38.57 -33.15 -36.60
C GLY A 145 37.07 -33.33 -36.71
N THR A 146 36.36 -32.26 -36.39
CA THR A 146 34.91 -32.28 -36.22
C THR A 146 34.24 -31.36 -37.23
N ALA A 147 33.11 -31.82 -37.76
CA ALA A 147 32.26 -31.00 -38.61
C ALA A 147 30.92 -30.80 -37.94
N ALA A 148 30.23 -29.72 -38.31
CA ALA A 148 28.91 -29.42 -37.78
C ALA A 148 27.92 -29.37 -38.94
N LEU A 149 26.71 -29.88 -38.68
CA LEU A 149 25.64 -29.82 -39.66
C LEU A 149 24.33 -29.67 -38.89
N GLY A 150 23.25 -29.44 -39.62
CA GLY A 150 21.99 -29.23 -38.95
C GLY A 150 20.85 -28.97 -39.91
N CYS A 151 19.73 -28.54 -39.34
CA CYS A 151 18.55 -28.15 -40.09
C CYS A 151 17.98 -26.88 -39.48
N LEU A 152 17.60 -25.97 -40.35
CA LEU A 152 16.89 -24.75 -39.97
C LEU A 152 15.40 -24.99 -40.13
N VAL A 153 14.65 -24.81 -39.06
CA VAL A 153 13.21 -25.00 -39.01
C VAL A 153 12.60 -23.60 -38.91
N LYS A 154 12.16 -23.06 -40.04
CA LYS A 154 11.92 -21.63 -40.20
C LYS A 154 10.42 -21.32 -40.28
N ASP A 155 9.98 -20.38 -39.46
CA ASP A 155 8.70 -19.67 -39.64
C ASP A 155 7.49 -20.62 -39.52
N TYR A 156 7.25 -21.05 -38.29
CA TYR A 156 6.09 -21.90 -38.00
C TYR A 156 5.31 -21.35 -36.82
N PHE A 157 4.08 -21.82 -36.71
CA PHE A 157 3.22 -21.50 -35.58
C PHE A 157 2.14 -22.55 -35.50
N PRO A 158 1.76 -23.02 -34.31
CA PRO A 158 2.36 -22.63 -33.03
C PRO A 158 3.47 -23.59 -32.62
N GLU A 159 4.02 -23.38 -31.42
CA GLU A 159 4.81 -24.44 -30.80
C GLU A 159 3.91 -25.66 -30.59
N PRO A 160 4.49 -26.87 -30.52
CA PRO A 160 5.91 -27.18 -30.67
C PRO A 160 6.22 -27.89 -31.98
N VAL A 161 7.51 -28.00 -32.29
CA VAL A 161 7.99 -28.93 -33.31
C VAL A 161 8.90 -29.91 -32.61
N THR A 162 8.97 -31.12 -33.17
CA THR A 162 9.90 -32.13 -32.68
C THR A 162 10.90 -32.40 -33.79
N VAL A 163 12.17 -32.51 -33.42
CA VAL A 163 13.23 -32.76 -34.39
C VAL A 163 13.99 -34.00 -33.92
N SER A 164 14.19 -34.93 -34.84
CA SER A 164 15.07 -36.07 -34.60
C SER A 164 16.07 -36.15 -35.73
N TRP A 165 17.06 -37.01 -35.55
CA TRP A 165 18.12 -37.22 -36.54
C TRP A 165 18.20 -38.70 -36.87
N ASN A 166 18.15 -39.02 -38.16
CA ASN A 166 18.20 -40.40 -38.65
C ASN A 166 17.13 -41.25 -37.98
N SER A 167 15.92 -40.69 -37.92
CA SER A 167 14.75 -41.37 -37.36
C SER A 167 14.95 -41.75 -35.89
N GLY A 168 15.72 -40.94 -35.16
CA GLY A 168 16.04 -41.22 -33.78
C GLY A 168 17.29 -42.04 -33.56
N ALA A 169 17.95 -42.49 -34.62
CA ALA A 169 19.15 -43.30 -34.45
C ALA A 169 20.34 -42.46 -34.02
N LEU A 170 20.34 -41.17 -34.39
CA LEU A 170 21.43 -40.26 -34.11
C LEU A 170 21.08 -39.38 -32.92
N THR A 171 21.86 -39.48 -31.86
CA THR A 171 21.57 -38.72 -30.64
C THR A 171 22.82 -38.02 -30.11
N SER A 172 23.98 -38.65 -30.31
CA SER A 172 25.24 -38.08 -29.84
C SER A 172 25.56 -36.79 -30.60
N GLY A 173 25.96 -35.76 -29.85
CA GLY A 173 26.38 -34.50 -30.43
C GLY A 173 25.26 -33.59 -30.90
N VAL A 174 24.01 -33.94 -30.67
CA VAL A 174 22.87 -33.19 -31.16
C VAL A 174 22.55 -32.06 -30.20
N HIS A 175 22.27 -30.88 -30.76
CA HIS A 175 21.74 -29.75 -30.00
C HIS A 175 20.56 -29.17 -30.76
N THR A 176 19.36 -29.32 -30.22
CA THR A 176 18.17 -28.67 -30.77
C THR A 176 17.89 -27.44 -29.92
N PHE A 177 17.99 -26.27 -30.54
CA PHE A 177 17.89 -25.04 -29.77
C PHE A 177 16.43 -24.71 -29.45
N PRO A 178 16.19 -24.03 -28.33
CA PRO A 178 14.84 -23.50 -28.08
C PRO A 178 14.40 -22.60 -29.21
N ALA A 179 13.11 -22.65 -29.53
CA ALA A 179 12.57 -21.78 -30.56
C ALA A 179 12.65 -20.32 -30.13
N VAL A 180 12.75 -19.43 -31.12
CA VAL A 180 12.74 -17.99 -30.90
C VAL A 180 11.47 -17.43 -31.51
N LEU A 181 10.73 -16.64 -30.74
CA LEU A 181 9.52 -15.99 -31.23
C LEU A 181 9.90 -14.74 -31.99
N GLN A 182 9.47 -14.65 -33.24
CA GLN A 182 9.83 -13.53 -34.09
C GLN A 182 8.76 -12.44 -34.03
N SER A 183 9.10 -11.25 -34.54
CA SER A 183 8.19 -10.13 -34.46
C SER A 183 6.92 -10.37 -35.26
N SER A 184 6.97 -11.22 -36.28
CA SER A 184 5.78 -11.60 -37.03
C SER A 184 4.84 -12.50 -36.23
N GLY A 185 5.26 -13.00 -35.07
CA GLY A 185 4.48 -13.96 -34.32
C GLY A 185 4.81 -15.41 -34.64
N LEU A 186 5.66 -15.66 -35.62
CA LEU A 186 6.10 -17.00 -35.96
C LEU A 186 7.36 -17.37 -35.18
N TYR A 187 7.62 -18.67 -35.10
CA TYR A 187 8.80 -19.22 -34.43
C TYR A 187 9.77 -19.77 -35.47
N SER A 188 11.05 -19.78 -35.11
CA SER A 188 12.04 -20.56 -35.84
C SER A 188 12.98 -21.20 -34.84
N LEU A 189 13.54 -22.34 -35.23
CA LEU A 189 14.59 -22.95 -34.44
C LEU A 189 15.55 -23.64 -35.39
N SER A 190 16.69 -24.03 -34.85
CA SER A 190 17.64 -24.88 -35.57
C SER A 190 18.02 -26.05 -34.67
N SER A 191 18.37 -27.15 -35.31
CA SER A 191 18.90 -28.32 -34.63
C SER A 191 20.22 -28.67 -35.32
N VAL A 192 21.27 -28.82 -34.53
CA VAL A 192 22.58 -29.08 -35.10
C VAL A 192 23.15 -30.33 -34.45
N VAL A 193 24.17 -30.89 -35.08
CA VAL A 193 24.90 -32.03 -34.54
C VAL A 193 26.33 -31.95 -35.04
N THR A 194 27.27 -32.23 -34.14
CA THR A 194 28.68 -32.32 -34.51
C THR A 194 29.03 -33.78 -34.76
N VAL A 195 29.72 -34.03 -35.87
CA VAL A 195 30.09 -35.38 -36.29
C VAL A 195 31.55 -35.37 -36.70
N PRO A 196 32.20 -36.53 -36.71
CA PRO A 196 33.57 -36.59 -37.24
C PRO A 196 33.57 -36.23 -38.72
N SER A 197 34.52 -35.37 -39.12
CA SER A 197 34.60 -35.01 -40.52
C SER A 197 34.83 -36.24 -41.39
N SER A 198 35.51 -37.25 -40.87
CA SER A 198 35.78 -38.46 -41.63
C SER A 198 34.52 -39.27 -41.94
N SER A 199 33.39 -38.96 -41.30
CA SER A 199 32.16 -39.68 -41.56
C SER A 199 31.34 -39.05 -42.68
N LEU A 200 31.70 -37.85 -43.13
CA LEU A 200 30.85 -37.10 -44.04
C LEU A 200 30.74 -37.74 -45.41
N GLY A 201 31.79 -38.44 -45.86
CA GLY A 201 31.76 -39.04 -47.17
C GLY A 201 30.81 -40.20 -47.32
N THR A 202 30.44 -40.86 -46.21
CA THR A 202 29.71 -42.13 -46.30
C THR A 202 28.39 -42.12 -45.55
N GLN A 203 28.36 -41.62 -44.32
CA GLN A 203 27.16 -41.72 -43.49
C GLN A 203 26.16 -40.65 -43.89
N THR A 204 24.96 -41.08 -44.28
CA THR A 204 23.90 -40.14 -44.62
C THR A 204 23.29 -39.57 -43.34
N TYR A 205 23.11 -38.26 -43.29
CA TYR A 205 22.50 -37.58 -42.15
C TYR A 205 21.19 -36.95 -42.60
N ILE A 206 20.12 -37.23 -41.85
CA ILE A 206 18.76 -36.82 -42.21
C ILE A 206 18.07 -36.29 -40.96
N CYS A 207 17.52 -35.08 -41.04
CA CYS A 207 16.73 -34.53 -39.94
C CYS A 207 15.25 -34.79 -40.22
N ASN A 208 14.54 -35.22 -39.18
CA ASN A 208 13.11 -35.51 -39.24
C ASN A 208 12.40 -34.44 -38.42
N VAL A 209 11.60 -33.63 -39.09
CA VAL A 209 10.88 -32.53 -38.44
C VAL A 209 9.39 -32.83 -38.49
N ASN A 210 8.74 -32.76 -37.33
CA ASN A 210 7.31 -33.00 -37.21
C ASN A 210 6.67 -31.77 -36.56
N HIS A 211 5.66 -31.21 -37.21
CA HIS A 211 4.86 -30.11 -36.66
C HIS A 211 3.41 -30.54 -36.81
N LYS A 212 2.89 -31.19 -35.77
CA LYS A 212 1.53 -31.74 -35.83
C LYS A 212 0.45 -30.71 -36.13
N PRO A 213 0.46 -29.49 -35.59
CA PRO A 213 -0.67 -28.58 -35.87
C PRO A 213 -0.85 -28.26 -37.35
N SER A 214 0.21 -28.33 -38.15
CA SER A 214 0.14 -28.03 -39.57
C SER A 214 0.22 -29.27 -40.44
N ASN A 215 0.17 -30.46 -39.85
CA ASN A 215 0.31 -31.71 -40.59
C ASN A 215 1.61 -31.75 -41.39
N THR A 216 2.67 -31.22 -40.80
CA THR A 216 3.99 -31.20 -41.43
C THR A 216 4.81 -32.39 -40.92
N LYS A 217 5.37 -33.14 -41.86
CA LYS A 217 6.29 -34.24 -41.58
C LYS A 217 7.34 -34.24 -42.69
N VAL A 218 8.54 -33.79 -42.39
CA VAL A 218 9.59 -33.58 -43.38
C VAL A 218 10.83 -34.37 -42.94
N ASP A 219 11.44 -35.08 -43.90
CA ASP A 219 12.76 -35.66 -43.74
C ASP A 219 13.68 -34.98 -44.73
N LYS A 220 14.68 -34.26 -44.24
CA LYS A 220 15.59 -33.48 -45.07
C LYS A 220 16.99 -34.07 -44.97
N ARG A 221 17.49 -34.62 -46.08
CA ARG A 221 18.87 -35.09 -46.14
C ARG A 221 19.82 -33.90 -46.16
N VAL A 222 20.85 -33.96 -45.32
CA VAL A 222 21.81 -32.86 -45.18
C VAL A 222 23.12 -33.33 -45.77
N GLU A 223 23.38 -32.96 -47.00
CA GLU A 223 24.58 -33.40 -47.68
C GLU A 223 25.70 -32.39 -47.52
N PRO A 224 26.95 -32.85 -47.43
CA PRO A 224 28.07 -31.91 -47.37
C PRO A 224 28.15 -31.09 -48.65
N LYS A 225 28.77 -29.91 -48.53
CA LYS A 225 28.90 -28.99 -49.66
C LYS A 225 30.26 -29.13 -50.34
N ASP B 1 1.80 -3.26 -3.66
CA ASP B 1 2.38 -4.57 -3.91
C ASP B 1 3.74 -4.71 -3.23
N ILE B 2 4.06 -5.94 -2.79
CA ILE B 2 5.34 -6.23 -2.16
C ILE B 2 6.23 -6.89 -3.20
N GLN B 3 7.39 -6.27 -3.47
CA GLN B 3 8.31 -6.74 -4.49
C GLN B 3 9.37 -7.64 -3.84
N MET B 4 9.66 -8.76 -4.50
CA MET B 4 10.64 -9.73 -4.03
C MET B 4 11.81 -9.76 -4.99
N THR B 5 13.02 -9.61 -4.46
CA THR B 5 14.23 -9.70 -5.26
C THR B 5 15.10 -10.85 -4.73
N GLN B 6 15.94 -11.38 -5.62
CA GLN B 6 16.80 -12.50 -5.26
C GLN B 6 18.20 -12.26 -5.78
N SER B 7 19.18 -12.78 -5.03
CA SER B 7 20.59 -12.62 -5.35
C SER B 7 21.32 -13.89 -4.97
N PRO B 8 22.24 -14.38 -5.83
CA PRO B 8 22.50 -13.79 -7.15
C PRO B 8 21.50 -14.31 -8.16
N SER B 9 21.49 -13.76 -9.38
CA SER B 9 20.60 -14.29 -10.40
C SER B 9 21.02 -15.70 -10.82
N THR B 10 22.32 -15.91 -10.99
CA THR B 10 22.85 -17.22 -11.36
C THR B 10 24.07 -17.52 -10.49
N LEU B 11 24.27 -18.81 -10.23
CA LEU B 11 25.38 -19.25 -9.39
C LEU B 11 25.91 -20.58 -9.94
N SER B 12 27.22 -20.68 -10.06
CA SER B 12 27.88 -21.91 -10.48
C SER B 12 28.53 -22.56 -9.27
N ALA B 13 28.13 -23.79 -8.97
CA ALA B 13 28.63 -24.50 -7.80
C ALA B 13 28.97 -25.94 -8.16
N SER B 14 29.65 -26.61 -7.24
CA SER B 14 30.02 -28.00 -7.40
C SER B 14 29.31 -28.87 -6.37
N VAL B 15 29.25 -30.18 -6.65
CA VAL B 15 28.65 -31.11 -5.70
C VAL B 15 29.47 -31.10 -4.42
N GLY B 16 28.79 -30.90 -3.30
CA GLY B 16 29.44 -30.80 -2.01
C GLY B 16 29.62 -29.38 -1.50
N ASP B 17 29.43 -28.38 -2.35
CA ASP B 17 29.56 -26.99 -1.93
C ASP B 17 28.47 -26.59 -0.94
N ARG B 18 28.80 -25.67 -0.05
CA ARG B 18 27.80 -24.98 0.74
C ARG B 18 27.28 -23.80 -0.07
N VAL B 19 25.99 -23.82 -0.39
CA VAL B 19 25.37 -22.81 -1.24
C VAL B 19 24.36 -22.01 -0.42
N THR B 20 24.51 -20.69 -0.43
CA THR B 20 23.60 -19.80 0.28
C THR B 20 23.15 -18.71 -0.69
N ILE B 21 21.83 -18.59 -0.87
CA ILE B 21 21.25 -17.59 -1.75
C ILE B 21 20.30 -16.73 -0.94
N THR B 22 20.07 -15.51 -1.42
CA THR B 22 19.36 -14.50 -0.66
C THR B 22 18.07 -14.07 -1.37
N CYS B 23 17.13 -13.59 -0.56
CA CYS B 23 15.83 -13.11 -1.02
C CYS B 23 15.45 -11.92 -0.17
N ARG B 24 14.91 -10.88 -0.81
CA ARG B 24 14.58 -9.64 -0.12
C ARG B 24 13.17 -9.19 -0.50
N ALA B 25 12.44 -8.67 0.50
CA ALA B 25 11.11 -8.12 0.31
C ALA B 25 11.15 -6.60 0.45
N SER B 26 10.38 -5.90 -0.38
CA SER B 26 10.40 -4.44 -0.36
C SER B 26 9.80 -3.88 0.93
N GLN B 27 8.86 -4.60 1.53
CA GLN B 27 8.30 -4.28 2.83
C GLN B 27 8.46 -5.48 3.75
N SER B 28 8.10 -5.31 5.01
CA SER B 28 8.16 -6.42 5.95
C SER B 28 7.10 -7.46 5.61
N ILE B 29 7.51 -8.73 5.54
CA ILE B 29 6.60 -9.83 5.33
C ILE B 29 6.58 -10.79 6.53
N SER B 30 7.16 -10.36 7.66
CA SER B 30 7.26 -11.18 8.88
C SER B 30 8.00 -12.45 8.50
N SER B 31 7.49 -13.64 8.83
CA SER B 31 8.12 -14.90 8.44
C SER B 31 7.35 -15.61 7.35
N TRP B 32 6.40 -14.94 6.71
CA TRP B 32 5.56 -15.56 5.68
C TRP B 32 6.31 -15.54 4.36
N LEU B 33 7.25 -16.47 4.24
CA LEU B 33 8.15 -16.58 3.10
C LEU B 33 8.36 -18.05 2.82
N ALA B 34 8.17 -18.45 1.56
CA ALA B 34 8.36 -19.82 1.14
C ALA B 34 9.42 -19.89 0.05
N TRP B 35 10.13 -21.01 0.01
CA TRP B 35 11.13 -21.29 -1.02
C TRP B 35 10.68 -22.48 -1.87
N TYR B 36 10.92 -22.39 -3.18
CA TYR B 36 10.54 -23.44 -4.12
C TYR B 36 11.74 -23.82 -4.99
N GLN B 37 11.77 -25.09 -5.39
CA GLN B 37 12.71 -25.59 -6.38
C GLN B 37 11.96 -25.89 -7.67
N GLN B 38 12.55 -25.53 -8.80
CA GLN B 38 11.94 -25.84 -10.10
C GLN B 38 13.01 -26.20 -11.11
N LYS B 39 12.81 -27.30 -11.81
CA LYS B 39 13.66 -27.77 -12.88
C LYS B 39 12.97 -27.58 -14.22
N PRO B 40 13.74 -27.48 -15.32
CA PRO B 40 13.12 -27.19 -16.62
C PRO B 40 12.04 -28.19 -16.98
N GLY B 41 10.90 -27.65 -17.42
CA GLY B 41 9.77 -28.47 -17.81
C GLY B 41 9.01 -29.13 -16.68
N LYS B 42 9.30 -28.80 -15.43
CA LYS B 42 8.66 -29.40 -14.27
C LYS B 42 7.97 -28.34 -13.43
N ALA B 43 6.99 -28.80 -12.65
CA ALA B 43 6.29 -27.91 -11.73
C ALA B 43 7.19 -27.54 -10.55
N PRO B 44 6.94 -26.38 -9.91
CA PRO B 44 7.70 -26.03 -8.71
C PRO B 44 7.44 -27.01 -7.58
N LYS B 45 8.37 -27.04 -6.63
CA LYS B 45 8.33 -27.97 -5.51
C LYS B 45 8.64 -27.20 -4.23
N LEU B 46 7.74 -27.29 -3.25
CA LEU B 46 7.92 -26.57 -2.01
C LEU B 46 9.07 -27.17 -1.20
N LEU B 47 9.98 -26.30 -0.73
CA LEU B 47 11.09 -26.71 0.11
C LEU B 47 10.97 -26.20 1.53
N ILE B 48 10.74 -24.90 1.69
CA ILE B 48 10.69 -24.24 3.00
C ILE B 48 9.42 -23.41 3.05
N TYR B 49 8.76 -23.40 4.20
CA TYR B 49 7.64 -22.51 4.46
C TYR B 49 7.87 -21.83 5.80
N LYS B 50 7.14 -20.74 6.01
CA LYS B 50 7.31 -19.90 7.20
C LYS B 50 8.79 -19.57 7.43
N ALA B 51 9.47 -19.22 6.34
CA ALA B 51 10.86 -18.77 6.33
C ALA B 51 11.86 -19.86 6.72
N SER B 52 11.53 -20.74 7.66
CA SER B 52 12.51 -21.70 8.14
C SER B 52 11.98 -23.11 8.37
N SER B 53 10.70 -23.38 8.14
CA SER B 53 10.15 -24.71 8.39
C SER B 53 10.36 -25.59 7.16
N LEU B 54 11.03 -26.72 7.37
CA LEU B 54 11.31 -27.66 6.29
C LEU B 54 10.04 -28.44 5.94
N GLU B 55 9.65 -28.40 4.67
CA GLU B 55 8.50 -29.16 4.20
C GLU B 55 8.76 -30.65 4.29
N SER B 56 7.73 -31.41 4.65
CA SER B 56 7.88 -32.85 4.80
C SER B 56 8.34 -33.48 3.50
N GLY B 57 9.29 -34.41 3.60
CA GLY B 57 9.86 -35.07 2.44
C GLY B 57 11.08 -34.40 1.85
N VAL B 58 11.40 -33.18 2.26
CA VAL B 58 12.52 -32.43 1.70
C VAL B 58 13.80 -32.81 2.45
N PRO B 59 14.91 -33.06 1.77
CA PRO B 59 16.13 -33.47 2.47
C PRO B 59 16.59 -32.44 3.50
N SER B 60 17.24 -32.95 4.55
CA SER B 60 17.64 -32.11 5.68
C SER B 60 18.76 -31.13 5.33
N ARG B 61 19.41 -31.26 4.17
CA ARG B 61 20.44 -30.32 3.79
C ARG B 61 19.88 -28.95 3.43
N PHE B 62 18.57 -28.82 3.27
CA PHE B 62 17.94 -27.55 2.97
C PHE B 62 17.52 -26.86 4.26
N SER B 63 17.85 -25.57 4.38
CA SER B 63 17.41 -24.78 5.51
C SER B 63 17.14 -23.37 5.04
N GLY B 64 16.36 -22.63 5.83
CA GLY B 64 16.07 -21.25 5.55
C GLY B 64 16.11 -20.44 6.82
N SER B 65 16.30 -19.12 6.65
CA SER B 65 16.40 -18.22 7.78
C SER B 65 15.87 -16.85 7.39
N GLY B 66 15.55 -16.05 8.42
CA GLY B 66 15.15 -14.67 8.22
C GLY B 66 13.73 -14.37 8.65
N SER B 67 13.46 -13.10 8.93
CA SER B 67 12.11 -12.62 9.22
C SER B 67 12.12 -11.11 9.06
N GLY B 68 11.16 -10.59 8.32
CA GLY B 68 11.15 -9.17 8.01
C GLY B 68 11.35 -8.91 6.54
N THR B 69 12.59 -8.63 6.13
CA THR B 69 12.85 -8.32 4.73
C THR B 69 13.98 -9.16 4.15
N GLU B 70 14.91 -9.64 4.97
CA GLU B 70 16.07 -10.37 4.49
C GLU B 70 15.91 -11.86 4.77
N PHE B 71 16.12 -12.69 3.75
CA PHE B 71 15.92 -14.12 3.85
C PHE B 71 17.01 -14.86 3.07
N THR B 72 17.36 -16.04 3.56
CA THR B 72 18.39 -16.87 2.94
C THR B 72 17.92 -18.32 2.84
N LEU B 73 18.32 -18.97 1.75
CA LEU B 73 18.17 -20.41 1.58
C LEU B 73 19.57 -21.01 1.51
N THR B 74 19.82 -22.05 2.30
CA THR B 74 21.13 -22.68 2.39
C THR B 74 21.02 -24.16 2.07
N ILE B 75 21.91 -24.64 1.22
CA ILE B 75 22.09 -26.07 0.97
C ILE B 75 23.46 -26.44 1.54
N SER B 76 23.45 -27.22 2.61
CA SER B 76 24.70 -27.48 3.35
C SER B 76 25.72 -28.20 2.47
N SER B 77 25.28 -29.19 1.70
CA SER B 77 26.17 -29.94 0.83
C SER B 77 25.43 -30.21 -0.47
N LEU B 78 25.80 -29.49 -1.52
CA LEU B 78 25.07 -29.55 -2.78
C LEU B 78 25.11 -30.95 -3.38
N GLN B 79 23.95 -31.46 -3.76
CA GLN B 79 23.82 -32.80 -4.32
C GLN B 79 23.52 -32.72 -5.81
N PRO B 80 23.82 -33.80 -6.57
CA PRO B 80 23.62 -33.74 -8.03
C PRO B 80 22.21 -33.36 -8.45
N ASP B 81 21.19 -33.73 -7.68
CA ASP B 81 19.82 -33.40 -8.07
C ASP B 81 19.38 -32.01 -7.59
N ASP B 82 20.29 -31.22 -7.04
CA ASP B 82 19.96 -29.89 -6.54
C ASP B 82 20.14 -28.79 -7.58
N PHE B 83 20.73 -29.09 -8.73
CA PHE B 83 20.91 -28.07 -9.77
C PHE B 83 19.56 -27.74 -10.38
N ALA B 84 19.10 -26.52 -10.15
CA ALA B 84 17.76 -26.08 -10.53
C ALA B 84 17.67 -24.58 -10.28
N THR B 85 16.47 -24.04 -10.43
CA THR B 85 16.17 -22.66 -10.10
C THR B 85 15.38 -22.61 -8.80
N TYR B 86 15.74 -21.66 -7.93
CA TYR B 86 15.10 -21.53 -6.63
C TYR B 86 14.37 -20.19 -6.55
N TYR B 87 13.09 -20.23 -6.18
CA TYR B 87 12.25 -19.05 -6.04
C TYR B 87 11.85 -18.85 -4.59
N CYS B 88 11.77 -17.59 -4.17
CA CYS B 88 11.15 -17.27 -2.89
C CYS B 88 9.79 -16.63 -3.14
N GLN B 89 8.91 -16.74 -2.15
CA GLN B 89 7.54 -16.23 -2.29
C GLN B 89 7.05 -15.75 -0.94
N GLN B 90 6.58 -14.51 -0.89
CA GLN B 90 5.95 -13.97 0.31
C GLN B 90 4.44 -14.21 0.26
N TYR B 91 3.86 -14.44 1.44
CA TYR B 91 2.41 -14.54 1.57
C TYR B 91 1.96 -13.77 2.80
N ASN B 92 2.48 -12.55 2.95
CA ASN B 92 1.98 -11.63 3.97
C ASN B 92 0.90 -10.73 3.41
N SER B 93 1.07 -10.25 2.18
CA SER B 93 0.10 -9.40 1.50
C SER B 93 -0.02 -9.86 0.06
N TYR B 94 -1.13 -10.53 -0.26
CA TYR B 94 -1.30 -11.21 -1.55
C TYR B 94 -0.15 -12.21 -1.70
N PHE B 95 0.30 -12.47 -2.92
CA PHE B 95 1.24 -13.55 -3.18
C PHE B 95 2.16 -13.12 -4.32
N THR B 96 3.43 -12.86 -4.02
CA THR B 96 4.39 -12.47 -5.02
C THR B 96 5.64 -13.32 -4.91
N PHE B 97 6.28 -13.55 -6.06
CA PHE B 97 7.47 -14.39 -6.16
C PHE B 97 8.68 -13.57 -6.52
N GLY B 98 9.84 -14.04 -6.07
CA GLY B 98 11.10 -13.46 -6.49
C GLY B 98 11.44 -13.89 -7.90
N PRO B 99 12.46 -13.24 -8.44
CA PRO B 99 12.86 -13.53 -9.84
C PRO B 99 13.53 -14.89 -10.01
N GLY B 100 13.99 -15.51 -8.94
CA GLY B 100 14.58 -16.83 -9.05
C GLY B 100 16.10 -16.77 -9.15
N THR B 101 16.74 -17.75 -8.53
CA THR B 101 18.19 -17.96 -8.58
C THR B 101 18.47 -19.31 -9.22
N LYS B 102 19.23 -19.31 -10.32
CA LYS B 102 19.58 -20.55 -11.02
C LYS B 102 20.95 -21.03 -10.54
N VAL B 103 21.01 -22.30 -10.12
CA VAL B 103 22.26 -22.92 -9.69
C VAL B 103 22.72 -23.85 -10.82
N ASP B 104 23.82 -23.49 -11.47
CA ASP B 104 24.42 -24.24 -12.56
C ASP B 104 25.60 -25.09 -12.05
N ILE B 105 26.07 -25.98 -12.93
CA ILE B 105 27.16 -26.90 -12.61
C ILE B 105 28.49 -26.24 -12.94
N LYS B 106 29.33 -26.06 -11.93
CA LYS B 106 30.66 -25.50 -12.14
C LYS B 106 31.55 -26.47 -12.91
N ARG B 107 32.27 -25.94 -13.90
CA ARG B 107 33.26 -26.72 -14.63
C ARG B 107 34.36 -25.78 -15.11
N THR B 108 35.38 -26.35 -15.77
CA THR B 108 36.47 -25.53 -16.28
C THR B 108 36.03 -24.73 -17.49
N VAL B 109 36.76 -23.64 -17.77
CA VAL B 109 36.46 -22.82 -18.94
C VAL B 109 36.71 -23.63 -20.20
N ALA B 110 35.77 -23.56 -21.14
CA ALA B 110 35.89 -24.23 -22.43
C ALA B 110 35.51 -23.22 -23.52
N ALA B 111 36.43 -22.99 -24.45
CA ALA B 111 36.17 -22.06 -25.54
C ALA B 111 35.15 -22.65 -26.52
N PRO B 112 34.33 -21.81 -27.13
CA PRO B 112 33.37 -22.32 -28.12
C PRO B 112 34.05 -22.75 -29.42
N SER B 113 33.56 -23.83 -30.00
CA SER B 113 33.87 -24.19 -31.38
C SER B 113 32.86 -23.51 -32.28
N VAL B 114 33.35 -22.73 -33.24
CA VAL B 114 32.52 -21.84 -34.05
C VAL B 114 32.38 -22.40 -35.45
N PHE B 115 31.15 -22.45 -35.95
CA PHE B 115 30.85 -22.90 -37.30
C PHE B 115 29.89 -21.91 -37.93
N ILE B 116 30.04 -21.68 -39.24
CA ILE B 116 29.17 -20.76 -39.96
C ILE B 116 28.54 -21.49 -41.14
N PHE B 117 27.26 -21.25 -41.35
CA PHE B 117 26.48 -21.92 -42.40
C PHE B 117 25.92 -20.88 -43.37
N PRO B 118 26.27 -20.93 -44.64
CA PRO B 118 25.60 -20.07 -45.63
C PRO B 118 24.16 -20.50 -45.82
N PRO B 119 23.31 -19.63 -46.38
CA PRO B 119 21.95 -20.06 -46.71
C PRO B 119 21.98 -21.14 -47.78
N SER B 120 21.06 -22.09 -47.65
CA SER B 120 20.97 -23.17 -48.61
C SER B 120 20.44 -22.65 -49.94
N ASP B 121 20.75 -23.39 -51.01
CA ASP B 121 20.15 -23.06 -52.31
C ASP B 121 18.64 -23.20 -52.27
N GLU B 122 18.12 -24.15 -51.49
CA GLU B 122 16.67 -24.33 -51.39
C GLU B 122 16.02 -23.06 -50.83
N GLN B 123 16.58 -22.52 -49.75
CA GLN B 123 16.01 -21.30 -49.16
C GLN B 123 16.13 -20.12 -50.12
N LEU B 124 17.25 -20.02 -50.83
CA LEU B 124 17.43 -18.93 -51.77
C LEU B 124 16.39 -18.98 -52.88
N LYS B 125 16.02 -20.18 -53.34
CA LYS B 125 14.95 -20.28 -54.33
C LYS B 125 13.63 -19.77 -53.78
N SER B 126 13.43 -19.86 -52.46
CA SER B 126 12.18 -19.43 -51.86
C SER B 126 12.10 -17.91 -51.66
N GLY B 127 13.22 -17.20 -51.77
CA GLY B 127 13.21 -15.75 -51.70
C GLY B 127 13.79 -15.15 -50.43
N THR B 128 14.32 -15.97 -49.52
CA THR B 128 14.93 -15.49 -48.29
C THR B 128 16.31 -16.11 -48.11
N ALA B 129 17.06 -15.59 -47.15
CA ALA B 129 18.41 -16.06 -46.88
C ALA B 129 18.68 -15.96 -45.39
N SER B 130 18.96 -17.09 -44.76
CA SER B 130 19.35 -17.13 -43.36
C SER B 130 20.78 -17.66 -43.24
N VAL B 131 21.62 -16.91 -42.54
CA VAL B 131 22.97 -17.32 -42.23
C VAL B 131 23.00 -17.74 -40.75
N VAL B 132 23.59 -18.90 -40.46
CA VAL B 132 23.57 -19.45 -39.11
C VAL B 132 25.00 -19.58 -38.60
N CYS B 133 25.23 -19.11 -37.38
CA CYS B 133 26.51 -19.22 -36.70
C CYS B 133 26.30 -20.08 -35.46
N LEU B 134 27.18 -21.04 -35.24
CA LEU B 134 27.05 -21.99 -34.13
C LEU B 134 28.25 -21.83 -33.20
N LEU B 135 27.97 -21.57 -31.92
CA LEU B 135 28.96 -21.61 -30.85
C LEU B 135 28.67 -22.87 -30.05
N ASN B 136 29.56 -23.85 -30.12
CA ASN B 136 29.28 -25.19 -29.61
C ASN B 136 30.14 -25.53 -28.40
N ASN B 137 29.49 -26.04 -27.36
CA ASN B 137 30.15 -26.67 -26.19
C ASN B 137 31.16 -25.74 -25.53
N PHE B 138 30.65 -24.63 -25.00
CA PHE B 138 31.49 -23.65 -24.31
C PHE B 138 31.02 -23.47 -22.87
N TYR B 139 31.90 -22.86 -22.07
CA TYR B 139 31.60 -22.56 -20.67
C TYR B 139 32.57 -21.48 -20.21
N PRO B 140 32.11 -20.46 -19.47
CA PRO B 140 30.73 -20.26 -18.99
C PRO B 140 29.77 -19.79 -20.07
N ARG B 141 28.55 -19.44 -19.66
CA ARG B 141 27.46 -19.20 -20.60
C ARG B 141 27.63 -17.89 -21.35
N GLU B 142 28.31 -16.90 -20.77
CA GLU B 142 28.39 -15.58 -21.37
C GLU B 142 29.22 -15.61 -22.65
N ALA B 143 28.58 -15.29 -23.78
CA ALA B 143 29.27 -15.20 -25.05
C ALA B 143 28.62 -14.12 -25.90
N LYS B 144 29.41 -13.53 -26.80
CA LYS B 144 28.94 -12.44 -27.65
C LYS B 144 29.19 -12.78 -29.10
N VAL B 145 28.20 -12.50 -29.95
CA VAL B 145 28.26 -12.78 -31.37
C VAL B 145 28.00 -11.49 -32.12
N GLN B 146 28.82 -11.20 -33.13
CA GLN B 146 28.68 -10.01 -33.95
C GLN B 146 28.70 -10.42 -35.41
N TRP B 147 27.65 -10.04 -36.14
CA TRP B 147 27.57 -10.31 -37.57
C TRP B 147 28.20 -9.16 -38.36
N LYS B 148 28.99 -9.52 -39.37
CA LYS B 148 29.63 -8.55 -40.24
C LYS B 148 29.36 -8.92 -41.70
N VAL B 149 28.87 -7.97 -42.46
CA VAL B 149 28.52 -8.16 -43.87
C VAL B 149 29.37 -7.19 -44.68
N ASP B 150 30.34 -7.71 -45.41
CA ASP B 150 31.38 -6.90 -46.06
C ASP B 150 31.97 -5.92 -45.07
N ASN B 151 32.31 -6.44 -43.88
CA ASN B 151 32.95 -5.70 -42.79
C ASN B 151 32.05 -4.64 -42.19
N ALA B 152 30.74 -4.73 -42.40
CA ALA B 152 29.78 -3.78 -41.84
C ALA B 152 29.01 -4.45 -40.71
N LEU B 153 29.01 -3.83 -39.54
CA LEU B 153 28.29 -4.39 -38.40
C LEU B 153 26.79 -4.38 -38.66
N GLN B 154 26.11 -5.40 -38.14
CA GLN B 154 24.69 -5.62 -38.35
C GLN B 154 23.91 -5.41 -37.06
N SER B 155 22.65 -5.02 -37.21
CA SER B 155 21.76 -4.89 -36.06
C SER B 155 20.32 -5.09 -36.53
N GLY B 156 19.50 -5.62 -35.63
CA GLY B 156 18.08 -5.75 -35.86
C GLY B 156 17.67 -6.85 -36.80
N ASN B 157 18.61 -7.64 -37.34
CA ASN B 157 18.30 -8.66 -38.31
C ASN B 157 18.79 -10.05 -37.88
N SER B 158 19.10 -10.23 -36.60
CA SER B 158 19.59 -11.51 -36.10
C SER B 158 18.85 -11.89 -34.82
N GLN B 159 18.88 -13.18 -34.51
CA GLN B 159 18.28 -13.72 -33.29
C GLN B 159 19.17 -14.84 -32.74
N GLU B 160 19.26 -14.91 -31.41
CA GLU B 160 20.11 -15.89 -30.74
C GLU B 160 19.26 -16.84 -29.91
N SER B 161 19.77 -18.07 -29.75
CA SER B 161 19.17 -19.06 -28.87
C SER B 161 20.29 -19.83 -28.18
N VAL B 162 20.05 -20.23 -26.93
CA VAL B 162 21.04 -20.89 -26.09
C VAL B 162 20.42 -22.14 -25.49
N THR B 163 21.18 -23.23 -25.47
CA THR B 163 20.68 -24.45 -24.87
C THR B 163 20.85 -24.42 -23.35
N GLU B 164 20.11 -25.29 -22.68
CA GLU B 164 20.39 -25.56 -21.28
C GLU B 164 21.76 -26.22 -21.15
N GLN B 165 22.26 -26.23 -19.92
CA GLN B 165 23.56 -26.84 -19.65
C GLN B 165 23.50 -28.33 -19.98
N ASP B 166 24.47 -28.79 -20.77
CA ASP B 166 24.46 -30.15 -21.28
C ASP B 166 24.64 -31.16 -20.15
N SER B 167 24.01 -32.32 -20.29
CA SER B 167 24.06 -33.32 -19.23
C SER B 167 25.44 -33.98 -19.15
N LYS B 168 26.08 -34.18 -20.31
CA LYS B 168 27.28 -35.00 -20.34
C LYS B 168 28.54 -34.22 -19.97
N ASP B 169 28.69 -33.00 -20.49
CA ASP B 169 29.90 -32.22 -20.24
C ASP B 169 29.66 -30.88 -19.58
N SER B 170 28.41 -30.55 -19.24
CA SER B 170 28.07 -29.32 -18.51
C SER B 170 28.39 -28.05 -19.30
N THR B 171 28.33 -28.14 -20.63
CA THR B 171 28.61 -27.00 -21.48
C THR B 171 27.32 -26.43 -22.06
N TYR B 172 27.47 -25.28 -22.72
CA TYR B 172 26.39 -24.61 -23.42
C TYR B 172 26.69 -24.58 -24.90
N SER B 173 25.64 -24.49 -25.69
CA SER B 173 25.77 -24.18 -27.11
C SER B 173 24.87 -23.00 -27.42
N LEU B 174 25.21 -22.26 -28.48
CA LEU B 174 24.50 -21.05 -28.85
C LEU B 174 24.43 -20.96 -30.37
N SER B 175 23.26 -20.60 -30.87
CA SER B 175 23.05 -20.36 -32.29
C SER B 175 22.67 -18.91 -32.51
N SER B 176 23.19 -18.31 -33.58
CA SER B 176 22.79 -16.99 -34.01
C SER B 176 22.40 -17.05 -35.48
N THR B 177 21.24 -16.53 -35.82
CA THR B 177 20.69 -16.63 -37.16
C THR B 177 20.48 -15.23 -37.73
N LEU B 178 21.19 -14.93 -38.81
CA LEU B 178 21.08 -13.65 -39.51
C LEU B 178 20.13 -13.85 -40.70
N THR B 179 19.08 -13.04 -40.75
CA THR B 179 18.02 -13.25 -41.73
C THR B 179 17.92 -12.03 -42.65
N LEU B 180 18.15 -12.25 -43.94
CA LEU B 180 18.07 -11.21 -44.95
C LEU B 180 17.13 -11.65 -46.06
N SER B 181 16.62 -10.67 -46.80
CA SER B 181 15.95 -11.01 -48.04
C SER B 181 16.97 -11.51 -49.05
N LYS B 182 16.51 -12.37 -49.97
CA LYS B 182 17.41 -12.86 -51.02
C LYS B 182 18.04 -11.70 -51.78
N ALA B 183 17.25 -10.67 -52.09
CA ALA B 183 17.79 -9.52 -52.82
C ALA B 183 18.93 -8.87 -52.04
N ASP B 184 18.74 -8.65 -50.74
CA ASP B 184 19.80 -8.03 -49.95
C ASP B 184 21.01 -8.94 -49.82
N TYR B 185 20.77 -10.25 -49.64
CA TYR B 185 21.88 -11.21 -49.58
C TYR B 185 22.73 -11.14 -50.85
N GLU B 186 22.10 -11.01 -52.02
CA GLU B 186 22.86 -10.94 -53.26
C GLU B 186 23.65 -9.65 -53.40
N LYS B 187 23.40 -8.65 -52.55
CA LYS B 187 24.07 -7.36 -52.66
C LYS B 187 25.43 -7.31 -51.99
N HIS B 188 25.82 -8.36 -51.27
CA HIS B 188 27.05 -8.34 -50.49
C HIS B 188 27.77 -9.67 -50.67
N LYS B 189 29.06 -9.67 -50.36
CA LYS B 189 29.93 -10.80 -50.64
C LYS B 189 30.35 -11.55 -49.40
N VAL B 190 31.02 -10.88 -48.44
CA VAL B 190 31.63 -11.56 -47.30
C VAL B 190 30.66 -11.54 -46.13
N TYR B 191 30.38 -12.71 -45.57
CA TYR B 191 29.51 -12.85 -44.40
C TYR B 191 30.32 -13.48 -43.29
N ALA B 192 30.38 -12.81 -42.14
CA ALA B 192 31.29 -13.19 -41.07
C ALA B 192 30.58 -13.18 -39.72
N CYS B 193 30.98 -14.12 -38.88
CA CYS B 193 30.51 -14.24 -37.51
C CYS B 193 31.72 -14.06 -36.60
N GLU B 194 31.71 -13.01 -35.79
CA GLU B 194 32.80 -12.74 -34.86
C GLU B 194 32.36 -13.06 -33.44
N VAL B 195 33.15 -13.87 -32.73
CA VAL B 195 32.77 -14.43 -31.45
C VAL B 195 33.80 -14.04 -30.40
N THR B 196 33.31 -13.65 -29.22
CA THR B 196 34.17 -13.41 -28.06
C THR B 196 33.66 -14.24 -26.90
N HIS B 197 34.60 -14.75 -26.11
CA HIS B 197 34.28 -15.60 -24.98
C HIS B 197 35.49 -15.65 -24.06
N GLN B 198 35.22 -15.88 -22.78
CA GLN B 198 36.28 -15.91 -21.77
C GLN B 198 37.40 -16.87 -22.17
N GLY B 199 37.05 -17.99 -22.81
CA GLY B 199 38.04 -18.97 -23.22
C GLY B 199 38.84 -18.61 -24.44
N LEU B 200 38.57 -17.45 -25.05
CA LEU B 200 39.27 -17.01 -26.25
C LEU B 200 40.13 -15.80 -25.90
N SER B 201 41.45 -15.93 -26.11
CA SER B 201 42.34 -14.81 -25.85
C SER B 201 42.15 -13.70 -26.87
N SER B 202 41.66 -14.02 -28.06
CA SER B 202 41.34 -13.06 -29.11
C SER B 202 40.02 -13.47 -29.75
N PRO B 203 39.29 -12.50 -30.34
CA PRO B 203 38.03 -12.86 -31.00
C PRO B 203 38.27 -13.82 -32.14
N VAL B 204 37.32 -14.73 -32.33
CA VAL B 204 37.34 -15.69 -33.42
C VAL B 204 36.32 -15.25 -34.46
N THR B 205 36.75 -15.20 -35.71
CA THR B 205 35.88 -14.83 -36.82
C THR B 205 35.83 -15.98 -37.81
N LYS B 206 34.63 -16.47 -38.09
CA LYS B 206 34.41 -17.41 -39.18
C LYS B 206 33.61 -16.71 -40.27
N SER B 207 34.00 -16.93 -41.52
CA SER B 207 33.39 -16.22 -42.63
C SER B 207 33.32 -17.10 -43.86
N PHE B 208 32.56 -16.64 -44.85
CA PHE B 208 32.49 -17.27 -46.15
C PHE B 208 32.16 -16.20 -47.19
N ASN B 209 32.48 -16.48 -48.44
CA ASN B 209 32.07 -15.65 -49.55
C ASN B 209 30.81 -16.23 -50.18
N ARG B 210 29.84 -15.36 -50.45
CA ARG B 210 28.66 -15.77 -51.19
C ARG B 210 29.07 -16.39 -52.51
N GLY B 211 28.52 -17.57 -52.81
CA GLY B 211 28.83 -18.25 -54.05
C GLY B 211 30.03 -19.19 -53.97
N GLN C 1 -6.66 9.78 -6.13
CA GLN C 1 -6.39 9.86 -4.70
C GLN C 1 -7.59 9.35 -3.89
N VAL C 2 -7.31 8.79 -2.71
CA VAL C 2 -8.37 8.34 -1.82
C VAL C 2 -9.17 9.56 -1.35
N GLN C 3 -10.50 9.46 -1.44
CA GLN C 3 -11.37 10.53 -1.00
C GLN C 3 -12.55 9.94 -0.23
N LEU C 4 -12.95 10.64 0.83
CA LEU C 4 -14.12 10.30 1.63
C LEU C 4 -14.91 11.60 1.79
N VAL C 5 -16.03 11.70 1.09
CA VAL C 5 -16.83 12.92 1.08
C VAL C 5 -18.07 12.67 1.91
N GLU C 6 -18.22 13.43 2.99
CA GLU C 6 -19.32 13.28 3.91
C GLU C 6 -20.40 14.32 3.66
N SER C 7 -21.62 13.97 4.06
CA SER C 7 -22.76 14.89 3.99
C SER C 7 -23.84 14.37 4.91
N GLY C 8 -24.85 15.21 5.16
CA GLY C 8 -26.01 14.84 5.93
C GLY C 8 -26.12 15.53 7.28
N GLY C 9 -25.05 16.17 7.76
CA GLY C 9 -25.11 16.84 9.03
C GLY C 9 -26.00 18.07 8.98
N GLY C 10 -26.41 18.51 10.17
CA GLY C 10 -27.27 19.68 10.26
C GLY C 10 -27.76 19.88 11.68
N VAL C 11 -28.70 20.80 11.82
CA VAL C 11 -29.31 21.14 13.11
C VAL C 11 -30.60 20.36 13.25
N VAL C 12 -30.74 19.63 14.36
CA VAL C 12 -31.94 18.88 14.67
C VAL C 12 -32.23 19.03 16.16
N GLN C 13 -33.49 18.84 16.52
CA GLN C 13 -33.93 18.90 17.90
C GLN C 13 -33.71 17.55 18.58
N PRO C 14 -33.57 17.54 19.90
CA PRO C 14 -33.42 16.26 20.62
C PRO C 14 -34.61 15.35 20.34
N GLY C 15 -34.29 14.07 20.07
CA GLY C 15 -35.30 13.08 19.77
C GLY C 15 -35.59 12.88 18.31
N ARG C 16 -35.05 13.73 17.44
CA ARG C 16 -35.24 13.56 16.00
C ARG C 16 -34.21 12.60 15.44
N SER C 17 -34.30 12.34 14.15
CA SER C 17 -33.41 11.41 13.45
C SER C 17 -32.61 12.15 12.40
N LEU C 18 -31.45 11.60 12.07
CA LEU C 18 -30.57 12.18 11.08
C LEU C 18 -29.73 11.07 10.47
N ARG C 19 -29.48 11.17 9.16
CA ARG C 19 -28.76 10.12 8.42
C ARG C 19 -27.52 10.72 7.80
N LEU C 20 -26.36 10.19 8.17
CA LEU C 20 -25.09 10.63 7.61
C LEU C 20 -24.66 9.73 6.46
N SER C 21 -23.89 10.29 5.53
CA SER C 21 -23.40 9.56 4.38
C SER C 21 -21.92 9.86 4.18
N CYS C 22 -21.21 8.87 3.64
CA CYS C 22 -19.77 8.96 3.40
C CYS C 22 -19.51 8.27 2.06
N ALA C 23 -19.35 9.06 1.00
CA ALA C 23 -19.13 8.54 -0.34
C ALA C 23 -17.63 8.44 -0.61
N ALA C 24 -17.18 7.23 -0.94
CA ALA C 24 -15.75 6.94 -1.11
C ALA C 24 -15.38 6.90 -2.58
N SER C 25 -14.12 7.22 -2.85
CA SER C 25 -13.53 7.07 -4.18
C SER C 25 -12.02 6.94 -4.04
N GLY C 26 -11.37 6.49 -5.11
CA GLY C 26 -9.94 6.36 -5.14
C GLY C 26 -9.39 5.09 -4.51
N PHE C 27 -10.26 4.17 -4.09
CA PHE C 27 -9.82 2.89 -3.55
C PHE C 27 -10.97 1.90 -3.67
N THR C 28 -10.68 0.64 -3.35
CA THR C 28 -11.66 -0.43 -3.46
C THR C 28 -12.47 -0.47 -2.16
N PHE C 29 -13.61 0.23 -2.17
CA PHE C 29 -14.37 0.46 -0.94
C PHE C 29 -14.89 -0.84 -0.33
N SER C 30 -15.30 -1.79 -1.16
CA SER C 30 -15.92 -3.02 -0.67
C SER C 30 -14.93 -3.97 0.01
N SER C 31 -13.64 -3.67 0.02
CA SER C 31 -12.67 -4.53 0.67
C SER C 31 -12.14 -3.92 1.97
N TYR C 32 -12.73 -2.83 2.45
CA TYR C 32 -12.25 -2.12 3.62
C TYR C 32 -13.35 -2.01 4.67
N GLY C 33 -12.99 -2.32 5.92
CA GLY C 33 -13.84 -1.92 7.03
C GLY C 33 -13.81 -0.41 7.20
N MET C 34 -14.90 0.12 7.74
CA MET C 34 -15.07 1.56 7.89
C MET C 34 -15.55 1.89 9.29
N HIS C 35 -15.18 3.10 9.76
CA HIS C 35 -15.50 3.57 11.10
C HIS C 35 -16.20 4.92 11.03
N TRP C 36 -16.99 5.21 12.06
CA TRP C 36 -17.43 6.57 12.37
C TRP C 36 -16.76 6.99 13.68
N VAL C 37 -16.23 8.21 13.70
CA VAL C 37 -15.61 8.81 14.88
C VAL C 37 -16.14 10.23 14.99
N ARG C 38 -16.45 10.67 16.22
CA ARG C 38 -17.00 12.01 16.41
C ARG C 38 -16.14 12.83 17.34
N GLN C 39 -16.30 14.15 17.26
CA GLN C 39 -15.49 15.09 18.03
C GLN C 39 -16.39 16.22 18.49
N ALA C 40 -16.70 16.25 19.78
CA ALA C 40 -17.53 17.32 20.33
C ALA C 40 -16.80 18.66 20.23
N PRO C 41 -17.54 19.76 20.17
CA PRO C 41 -16.89 21.08 20.06
C PRO C 41 -15.90 21.32 21.18
N GLY C 42 -14.65 21.55 20.81
CA GLY C 42 -13.59 21.81 21.76
C GLY C 42 -13.03 20.60 22.47
N LYS C 43 -13.49 19.39 22.14
CA LYS C 43 -13.07 18.19 22.85
C LYS C 43 -12.25 17.28 21.94
N GLY C 44 -12.02 16.06 22.40
CA GLY C 44 -11.21 15.09 21.69
C GLY C 44 -12.02 14.18 20.80
N LEU C 45 -11.38 13.09 20.37
CA LEU C 45 -11.98 12.14 19.44
C LEU C 45 -12.61 10.98 20.20
N GLU C 46 -13.74 10.51 19.71
CA GLU C 46 -14.48 9.42 20.35
C GLU C 46 -14.98 8.46 19.29
N TRP C 47 -14.56 7.20 19.39
CA TRP C 47 -15.00 6.19 18.43
C TRP C 47 -16.50 5.94 18.57
N VAL C 48 -17.18 5.76 17.44
CA VAL C 48 -18.63 5.58 17.39
C VAL C 48 -19.01 4.16 16.97
N ALA C 49 -18.59 3.73 15.79
CA ALA C 49 -18.98 2.41 15.30
C ALA C 49 -18.03 1.94 14.21
N VAL C 50 -18.08 0.63 13.94
CA VAL C 50 -17.30 0.01 12.86
C VAL C 50 -18.20 -0.98 12.13
N ILE C 51 -17.95 -1.14 10.83
CA ILE C 51 -18.65 -2.12 10.02
C ILE C 51 -17.63 -2.85 9.15
N TRP C 52 -17.80 -4.16 9.02
CA TRP C 52 -16.91 -5.00 8.22
C TRP C 52 -17.00 -4.64 6.75
N TYR C 53 -15.99 -5.08 5.99
CA TYR C 53 -15.90 -4.75 4.57
C TYR C 53 -17.13 -5.25 3.80
N ASP C 54 -17.65 -6.41 4.17
CA ASP C 54 -18.83 -6.98 3.51
C ASP C 54 -20.12 -6.65 4.26
N GLY C 55 -20.05 -5.80 5.27
CA GLY C 55 -21.23 -5.45 6.04
C GLY C 55 -21.71 -6.52 7.00
N SER C 56 -20.89 -7.54 7.27
CA SER C 56 -21.32 -8.64 8.12
C SER C 56 -21.38 -8.24 9.58
N ASN C 57 -20.25 -7.90 10.18
CA ASN C 57 -20.16 -7.62 11.61
C ASN C 57 -20.19 -6.12 11.86
N LYS C 58 -20.87 -5.72 12.93
CA LYS C 58 -20.99 -4.33 13.32
C LYS C 58 -20.79 -4.20 14.82
N TYR C 59 -20.06 -3.16 15.25
CA TYR C 59 -19.83 -2.91 16.67
C TYR C 59 -20.01 -1.44 16.95
N TYR C 60 -20.54 -1.12 18.13
CA TYR C 60 -20.90 0.24 18.49
C TYR C 60 -20.29 0.62 19.83
N ALA C 61 -20.11 1.92 20.02
CA ALA C 61 -19.76 2.44 21.33
C ALA C 61 -20.98 2.39 22.25
N ASP C 62 -20.72 2.22 23.55
CA ASP C 62 -21.81 2.07 24.51
C ASP C 62 -22.74 3.29 24.51
N SER C 63 -22.20 4.48 24.26
CA SER C 63 -23.00 5.70 24.32
C SER C 63 -24.00 5.83 23.17
N VAL C 64 -23.88 5.00 22.13
CA VAL C 64 -24.76 5.10 20.97
C VAL C 64 -25.51 3.80 20.70
N LYS C 65 -25.25 2.75 21.47
CA LYS C 65 -25.94 1.48 21.28
C LYS C 65 -27.45 1.65 21.37
N GLY C 66 -28.17 0.91 20.52
CA GLY C 66 -29.62 1.01 20.46
C GLY C 66 -30.15 2.24 19.77
N ARG C 67 -29.34 3.27 19.58
CA ARG C 67 -29.78 4.51 18.94
C ARG C 67 -29.18 4.72 17.56
N PHE C 68 -27.91 4.33 17.37
CA PHE C 68 -27.23 4.50 16.09
C PHE C 68 -27.12 3.17 15.38
N THR C 69 -27.15 3.22 14.05
CA THR C 69 -26.99 2.05 13.20
C THR C 69 -26.02 2.39 12.08
N ILE C 70 -24.99 1.55 11.92
CA ILE C 70 -24.01 1.72 10.84
C ILE C 70 -24.35 0.74 9.73
N SER C 71 -24.21 1.19 8.49
CA SER C 71 -24.50 0.34 7.33
C SER C 71 -23.70 0.84 6.14
N ARG C 72 -23.75 0.07 5.06
CA ARG C 72 -23.02 0.41 3.85
C ARG C 72 -23.73 -0.16 2.63
N ASP C 73 -23.54 0.52 1.50
CA ASP C 73 -24.01 0.04 0.19
C ASP C 73 -22.78 0.02 -0.71
N ASN C 74 -22.14 -1.16 -0.83
CA ASN C 74 -20.89 -1.25 -1.56
C ASN C 74 -21.07 -0.99 -3.06
N SER C 75 -22.28 -1.19 -3.59
CA SER C 75 -22.52 -0.85 -4.99
C SER C 75 -22.42 0.65 -5.22
N LYS C 76 -22.82 1.45 -4.23
CA LYS C 76 -22.72 2.91 -4.32
C LYS C 76 -21.47 3.47 -3.66
N ASN C 77 -20.63 2.61 -3.07
CA ASN C 77 -19.41 3.05 -2.38
C ASN C 77 -19.72 4.11 -1.33
N THR C 78 -20.78 3.86 -0.55
CA THR C 78 -21.26 4.82 0.43
C THR C 78 -21.39 4.16 1.79
N LEU C 79 -20.92 4.84 2.82
CA LEU C 79 -21.10 4.44 4.21
C LEU C 79 -22.19 5.30 4.83
N TYR C 80 -22.98 4.70 5.72
CA TYR C 80 -24.09 5.39 6.34
C TYR C 80 -24.00 5.30 7.85
N LEU C 81 -24.54 6.32 8.53
CA LEU C 81 -24.77 6.30 9.97
C LEU C 81 -26.18 6.82 10.21
N GLN C 82 -27.07 5.96 10.68
CA GLN C 82 -28.45 6.32 11.00
C GLN C 82 -28.52 6.69 12.48
N MET C 83 -28.76 7.96 12.77
CA MET C 83 -28.76 8.49 14.13
C MET C 83 -30.19 8.75 14.58
N ASN C 84 -30.70 7.90 15.47
CA ASN C 84 -32.03 8.06 16.02
C ASN C 84 -31.94 8.48 17.48
N SER C 85 -33.04 9.03 17.99
CA SER C 85 -33.16 9.42 19.39
C SER C 85 -31.99 10.32 19.82
N LEU C 86 -31.72 11.32 18.99
CA LEU C 86 -30.54 12.16 19.20
C LEU C 86 -30.64 12.96 20.48
N ARG C 87 -29.54 13.01 21.22
CA ARG C 87 -29.41 13.81 22.42
C ARG C 87 -28.49 15.00 22.16
N ALA C 88 -28.56 15.98 23.06
CA ALA C 88 -27.65 17.13 22.97
C ALA C 88 -26.20 16.68 23.08
N GLU C 89 -25.93 15.60 23.80
CA GLU C 89 -24.57 15.06 23.92
C GLU C 89 -24.05 14.50 22.61
N ASP C 90 -24.90 14.25 21.62
CA ASP C 90 -24.45 13.78 20.32
C ASP C 90 -23.90 14.90 19.44
N THR C 91 -24.03 16.15 19.86
CA THR C 91 -23.49 17.27 19.09
C THR C 91 -22.00 17.12 18.88
N ALA C 92 -21.58 17.07 17.62
CA ALA C 92 -20.18 16.79 17.30
C ALA C 92 -19.98 16.87 15.79
N VAL C 93 -18.73 17.08 15.39
CA VAL C 93 -18.31 16.80 14.02
C VAL C 93 -18.10 15.30 13.90
N TYR C 94 -18.77 14.68 12.92
CA TYR C 94 -18.66 13.24 12.70
C TYR C 94 -17.75 12.97 11.51
N TYR C 95 -16.78 12.08 11.71
CA TYR C 95 -15.85 11.67 10.68
C TYR C 95 -16.11 10.21 10.30
N CYS C 96 -15.99 9.90 9.02
CA CYS C 96 -15.84 8.52 8.60
C CYS C 96 -14.35 8.26 8.37
N ALA C 97 -13.94 7.01 8.58
CA ALA C 97 -12.53 6.69 8.54
C ALA C 97 -12.35 5.25 8.07
N ARG C 98 -11.36 5.06 7.20
CA ARG C 98 -11.06 3.75 6.65
C ARG C 98 -10.10 3.00 7.58
N ALA C 99 -10.34 1.69 7.73
CA ALA C 99 -9.48 0.88 8.58
C ALA C 99 -8.14 0.61 7.88
N LEU C 100 -7.04 0.81 8.59
CA LEU C 100 -5.73 0.56 8.02
C LEU C 100 -5.51 -0.92 7.78
N ASP C 101 -4.94 -1.25 6.62
CA ASP C 101 -4.60 -2.63 6.26
C ASP C 101 -3.13 -2.87 6.60
N ASP C 102 -2.88 -3.35 7.82
CA ASP C 102 -1.54 -3.77 8.25
C ASP C 102 -1.51 -5.29 8.23
N ALA C 103 -0.92 -5.86 7.18
CA ALA C 103 -1.03 -7.29 6.93
C ALA C 103 -0.50 -8.12 8.09
N SER C 104 0.59 -7.68 8.73
CA SER C 104 1.23 -8.46 9.78
C SER C 104 0.51 -8.40 11.12
N SER C 105 -0.31 -7.38 11.36
CA SER C 105 -0.90 -7.18 12.67
C SER C 105 -2.05 -8.15 12.93
N THR C 106 -2.20 -8.54 14.19
CA THR C 106 -3.30 -9.39 14.63
C THR C 106 -4.33 -8.64 15.45
N SER C 107 -4.25 -7.31 15.51
CA SER C 107 -5.27 -6.49 16.13
C SER C 107 -5.56 -5.29 15.24
N CYS C 108 -6.74 -4.71 15.43
CA CYS C 108 -7.24 -3.66 14.56
CA CYS C 108 -7.27 -3.69 14.55
C CYS C 108 -8.12 -2.73 15.39
N CYS C 109 -8.18 -1.45 15.00
CA CYS C 109 -7.57 -0.83 13.82
C CYS C 109 -6.88 0.49 14.13
N ALA C 110 -5.91 0.85 13.31
CA ALA C 110 -5.59 2.25 13.05
C ALA C 110 -6.43 2.74 11.88
N LEU C 111 -6.56 4.06 11.76
CA LEU C 111 -7.46 4.70 10.79
C LEU C 111 -6.62 5.58 9.86
N ASP C 112 -6.45 5.16 8.62
CA ASP C 112 -5.44 5.77 7.76
C ASP C 112 -5.99 6.84 6.81
N TYR C 113 -7.30 6.92 6.63
CA TYR C 113 -7.90 7.99 5.83
C TYR C 113 -9.18 8.43 6.51
N TRP C 114 -9.36 9.75 6.63
CA TRP C 114 -10.51 10.35 7.30
C TRP C 114 -11.28 11.25 6.35
N GLY C 115 -12.60 11.24 6.46
CA GLY C 115 -13.41 12.20 5.74
C GLY C 115 -13.21 13.61 6.28
N GLN C 116 -13.76 14.59 5.56
CA GLN C 116 -13.63 15.98 5.97
C GLN C 116 -14.50 16.33 7.16
N GLY C 117 -15.46 15.49 7.52
CA GLY C 117 -16.31 15.74 8.68
C GLY C 117 -17.60 16.46 8.31
N THR C 118 -18.66 16.15 9.06
CA THR C 118 -19.93 16.84 8.91
C THR C 118 -20.48 17.14 10.30
N LEU C 119 -21.01 18.35 10.48
CA LEU C 119 -21.38 18.86 11.80
C LEU C 119 -22.82 18.49 12.13
N VAL C 120 -23.02 17.82 13.26
CA VAL C 120 -24.34 17.48 13.77
C VAL C 120 -24.58 18.28 15.04
N THR C 121 -25.58 19.16 15.02
CA THR C 121 -25.91 20.00 16.16
C THR C 121 -27.30 19.61 16.66
N VAL C 122 -27.36 18.96 17.81
CA VAL C 122 -28.61 18.58 18.43
C VAL C 122 -28.95 19.65 19.47
N SER C 123 -30.00 20.41 19.22
CA SER C 123 -30.36 21.53 20.06
C SER C 123 -31.87 21.73 20.05
N SER C 124 -32.42 22.10 21.20
CA SER C 124 -33.83 22.51 21.26
C SER C 124 -34.02 23.97 20.92
N ALA C 125 -32.94 24.74 20.76
CA ALA C 125 -33.05 26.15 20.47
C ALA C 125 -33.58 26.38 19.06
N SER C 126 -34.13 27.57 18.84
CA SER C 126 -34.55 28.02 17.52
C SER C 126 -33.84 29.33 17.20
N THR C 127 -33.96 29.75 15.94
CA THR C 127 -33.23 30.94 15.48
C THR C 127 -33.60 32.14 16.35
N LYS C 128 -32.57 32.82 16.86
CA LYS C 128 -32.76 33.94 17.78
C LYS C 128 -31.57 34.88 17.67
N GLY C 129 -31.85 36.17 17.55
CA GLY C 129 -30.81 37.16 17.50
C GLY C 129 -30.17 37.40 18.85
N PRO C 130 -28.94 37.88 18.84
CA PRO C 130 -28.22 38.12 20.09
C PRO C 130 -28.54 39.47 20.70
N SER C 131 -28.37 39.53 22.02
CA SER C 131 -28.30 40.81 22.72
C SER C 131 -26.84 41.25 22.76
N VAL C 132 -26.62 42.55 22.64
CA VAL C 132 -25.27 43.11 22.59
C VAL C 132 -25.13 44.05 23.78
N PHE C 133 -24.32 43.65 24.77
CA PHE C 133 -24.09 44.44 25.96
C PHE C 133 -22.66 44.98 25.99
N PRO C 134 -22.46 46.19 26.50
CA PRO C 134 -21.11 46.75 26.56
C PRO C 134 -20.30 46.14 27.70
N LEU C 135 -19.00 45.98 27.44
CA LEU C 135 -18.01 45.69 28.47
C LEU C 135 -17.24 47.00 28.68
N ALA C 136 -17.71 47.81 29.61
CA ALA C 136 -17.22 49.18 29.73
C ALA C 136 -15.83 49.21 30.33
N PRO C 137 -14.95 50.08 29.84
CA PRO C 137 -13.64 50.25 30.47
C PRO C 137 -13.74 51.09 31.75
N SER C 138 -12.75 50.90 32.61
CA SER C 138 -12.68 51.65 33.87
C SER C 138 -12.24 53.10 33.63
N GLY C 145 -0.75 53.66 30.76
CA GLY C 145 -2.13 53.28 31.05
C GLY C 145 -2.84 52.61 29.90
N THR C 146 -3.24 51.36 30.11
CA THR C 146 -3.96 50.56 29.12
C THR C 146 -5.31 50.15 29.68
N ALA C 147 -6.36 50.43 28.92
CA ALA C 147 -7.73 50.04 29.29
C ALA C 147 -8.23 48.95 28.37
N ALA C 148 -9.09 48.09 28.91
CA ALA C 148 -9.74 47.05 28.14
C ALA C 148 -11.23 47.32 28.06
N LEU C 149 -11.83 47.06 26.90
CA LEU C 149 -13.26 47.23 26.71
C LEU C 149 -13.71 46.18 25.72
N GLY C 150 -15.03 46.04 25.58
CA GLY C 150 -15.53 45.06 24.64
C GLY C 150 -17.04 45.07 24.57
N CYS C 151 -17.55 44.03 23.89
CA CYS C 151 -18.98 43.79 23.73
C CYS C 151 -19.29 42.34 24.03
N LEU C 152 -20.33 42.11 24.82
CA LEU C 152 -20.84 40.78 25.11
C LEU C 152 -22.00 40.50 24.16
N VAL C 153 -21.86 39.48 23.33
CA VAL C 153 -22.87 39.14 22.34
C VAL C 153 -23.55 37.85 22.80
N LYS C 154 -24.67 37.99 23.51
CA LYS C 154 -25.22 36.91 24.32
C LYS C 154 -26.53 36.37 23.75
N ASP C 155 -26.68 35.04 23.81
CA ASP C 155 -27.95 34.34 23.61
C ASP C 155 -28.44 34.45 22.16
N TYR C 156 -27.68 33.82 21.27
CA TYR C 156 -28.08 33.73 19.88
C TYR C 156 -28.01 32.28 19.40
N PHE C 157 -28.62 32.06 18.24
CA PHE C 157 -28.66 30.76 17.58
C PHE C 157 -29.16 30.95 16.16
N PRO C 158 -28.57 30.26 15.17
CA PRO C 158 -27.38 29.43 15.35
C PRO C 158 -26.11 30.23 15.09
N GLU C 159 -24.99 29.53 15.00
CA GLU C 159 -23.76 30.14 14.51
C GLU C 159 -23.95 30.57 13.06
N PRO C 160 -23.17 31.56 12.59
CA PRO C 160 -22.21 32.37 13.34
C PRO C 160 -22.66 33.82 13.53
N VAL C 161 -21.94 34.55 14.37
CA VAL C 161 -21.98 36.00 14.40
C VAL C 161 -20.61 36.51 14.02
N THR C 162 -20.58 37.70 13.42
CA THR C 162 -19.34 38.39 13.14
C THR C 162 -19.28 39.68 13.94
N VAL C 163 -18.07 40.06 14.35
CA VAL C 163 -17.84 41.26 15.12
C VAL C 163 -16.67 42.01 14.51
N SER C 164 -16.84 43.30 14.29
CA SER C 164 -15.75 44.19 13.96
C SER C 164 -15.83 45.39 14.88
N TRP C 165 -14.82 46.26 14.80
CA TRP C 165 -14.77 47.44 15.64
C TRP C 165 -14.56 48.66 14.77
N ASN C 166 -15.35 49.71 15.04
CA ASN C 166 -15.28 50.98 14.30
C ASN C 166 -15.32 50.75 12.80
N SER C 167 -16.21 49.85 12.37
CA SER C 167 -16.42 49.54 10.96
C SER C 167 -15.14 49.09 10.26
N GLY C 168 -14.25 48.41 11.00
CA GLY C 168 -13.01 47.92 10.47
C GLY C 168 -11.81 48.83 10.69
N ALA C 169 -12.02 50.03 11.23
CA ALA C 169 -10.91 50.93 11.48
C ALA C 169 -10.07 50.53 12.69
N LEU C 170 -10.59 49.70 13.57
CA LEU C 170 -9.86 49.24 14.75
C LEU C 170 -9.65 47.73 14.62
N THR C 171 -8.40 47.32 14.46
CA THR C 171 -8.07 45.90 14.31
C THR C 171 -7.01 45.48 15.32
N SER C 172 -6.09 46.39 15.64
CA SER C 172 -5.00 46.08 16.55
C SER C 172 -5.52 45.84 17.96
N GLY C 173 -5.01 44.78 18.60
CA GLY C 173 -5.41 44.45 19.96
C GLY C 173 -6.79 43.87 20.11
N VAL C 174 -7.52 43.62 19.02
CA VAL C 174 -8.85 43.04 19.08
C VAL C 174 -8.75 41.54 19.28
N HIS C 175 -9.47 41.02 20.26
CA HIS C 175 -9.61 39.57 20.46
C HIS C 175 -11.09 39.23 20.47
N THR C 176 -11.54 38.55 19.43
CA THR C 176 -12.92 38.08 19.35
C THR C 176 -12.92 36.59 19.69
N PHE C 177 -13.47 36.25 20.86
CA PHE C 177 -13.37 34.89 21.36
C PHE C 177 -14.35 33.97 20.63
N PRO C 178 -13.98 32.71 20.43
CA PRO C 178 -14.93 31.75 19.86
C PRO C 178 -16.15 31.61 20.75
N ALA C 179 -17.28 31.33 20.12
CA ALA C 179 -18.54 31.25 20.85
C ALA C 179 -18.55 30.01 21.75
N VAL C 180 -19.26 30.13 22.87
CA VAL C 180 -19.46 29.02 23.80
C VAL C 180 -20.94 28.68 23.81
N LEU C 181 -21.25 27.38 23.82
CA LEU C 181 -22.63 26.93 23.93
C LEU C 181 -23.04 26.95 25.40
N GLN C 182 -24.06 27.74 25.72
CA GLN C 182 -24.47 27.89 27.10
C GLN C 182 -25.40 26.74 27.50
N SER C 183 -25.75 26.72 28.78
CA SER C 183 -26.60 25.66 29.31
C SER C 183 -27.97 25.67 28.67
N SER C 184 -28.45 26.83 28.27
CA SER C 184 -29.78 26.97 27.68
C SER C 184 -29.83 26.51 26.22
N GLY C 185 -28.68 26.15 25.63
CA GLY C 185 -28.63 25.84 24.22
C GLY C 185 -28.38 27.02 23.31
N LEU C 186 -28.16 28.21 23.86
CA LEU C 186 -27.86 29.39 23.07
C LEU C 186 -26.36 29.69 23.14
N TYR C 187 -25.85 30.27 22.07
CA TYR C 187 -24.43 30.64 22.01
C TYR C 187 -24.20 32.03 22.60
N SER C 188 -22.97 32.25 23.04
CA SER C 188 -22.56 33.56 23.52
C SER C 188 -21.06 33.72 23.29
N LEU C 189 -20.65 34.93 22.91
CA LEU C 189 -19.24 35.25 22.81
C LEU C 189 -19.02 36.70 23.22
N SER C 190 -17.76 37.05 23.44
CA SER C 190 -17.38 38.43 23.66
C SER C 190 -16.24 38.78 22.70
N SER C 191 -16.15 40.06 22.38
CA SER C 191 -15.03 40.60 21.63
C SER C 191 -14.46 41.76 22.44
N VAL C 192 -13.16 41.74 22.68
CA VAL C 192 -12.52 42.76 23.51
C VAL C 192 -11.40 43.42 22.73
N VAL C 193 -10.95 44.56 23.25
CA VAL C 193 -9.82 45.28 22.69
C VAL C 193 -9.18 46.08 23.82
N THR C 194 -7.86 46.20 23.75
CA THR C 194 -7.10 47.05 24.66
C THR C 194 -6.68 48.31 23.93
N VAL C 195 -6.82 49.45 24.59
CA VAL C 195 -6.52 50.76 24.03
C VAL C 195 -5.83 51.60 25.08
N PRO C 196 -5.15 52.66 24.66
CA PRO C 196 -4.62 53.62 25.64
C PRO C 196 -5.73 54.23 26.48
N SER C 197 -5.50 54.29 27.79
CA SER C 197 -6.47 54.93 28.67
C SER C 197 -6.73 56.38 28.27
N SER C 198 -5.71 57.08 27.78
CA SER C 198 -5.87 58.47 27.40
C SER C 198 -6.82 58.66 26.23
N SER C 199 -7.10 57.60 25.47
CA SER C 199 -7.98 57.72 24.32
C SER C 199 -9.45 57.57 24.67
N LEU C 200 -9.77 57.15 25.90
CA LEU C 200 -11.16 56.87 26.26
C LEU C 200 -12.03 58.13 26.20
N GLY C 201 -11.45 59.30 26.42
CA GLY C 201 -12.20 60.53 26.41
C GLY C 201 -12.31 61.23 25.08
N THR C 202 -11.71 60.68 24.02
CA THR C 202 -11.72 61.35 22.72
C THR C 202 -12.10 60.40 21.59
N GLN C 203 -11.75 59.12 21.71
CA GLN C 203 -12.00 58.14 20.67
C GLN C 203 -13.26 57.33 21.00
N THR C 204 -14.20 57.31 20.07
CA THR C 204 -15.39 56.49 20.24
C THR C 204 -15.09 55.05 19.83
N TYR C 205 -15.64 54.10 20.56
CA TYR C 205 -15.47 52.69 20.29
C TYR C 205 -16.84 52.06 20.08
N ILE C 206 -17.04 51.49 18.90
CA ILE C 206 -18.30 50.88 18.51
C ILE C 206 -17.99 49.46 18.05
N CYS C 207 -18.74 48.48 18.55
CA CYS C 207 -18.61 47.12 18.06
C CYS C 207 -19.73 46.85 17.07
N ASN C 208 -19.36 46.39 15.88
CA ASN C 208 -20.31 46.10 14.82
C ASN C 208 -20.59 44.60 14.85
N VAL C 209 -21.84 44.23 15.13
CA VAL C 209 -22.23 42.84 15.31
C VAL C 209 -23.24 42.49 14.23
N ASN C 210 -23.04 41.35 13.58
CA ASN C 210 -23.96 40.89 12.55
C ASN C 210 -24.27 39.42 12.80
N HIS C 211 -25.56 39.11 12.92
CA HIS C 211 -26.05 37.73 12.99
C HIS C 211 -27.04 37.55 11.84
N LYS C 212 -26.51 37.10 10.70
CA LYS C 212 -27.33 36.95 9.49
C LYS C 212 -28.53 36.02 9.66
N PRO C 213 -28.44 34.87 10.34
CA PRO C 213 -29.62 33.99 10.43
C PRO C 213 -30.85 34.65 11.03
N SER C 214 -30.69 35.68 11.84
CA SER C 214 -31.82 36.38 12.45
C SER C 214 -32.00 37.79 11.93
N ASN C 215 -31.22 38.22 10.93
CA ASN C 215 -31.25 39.59 10.42
C ASN C 215 -30.99 40.61 11.53
N THR C 216 -30.05 40.29 12.43
CA THR C 216 -29.71 41.15 13.56
C THR C 216 -28.37 41.82 13.28
N LYS C 217 -28.41 43.12 13.00
CA LYS C 217 -27.22 43.90 12.70
C LYS C 217 -27.24 45.12 13.62
N VAL C 218 -26.27 45.20 14.53
CA VAL C 218 -26.28 46.17 15.61
C VAL C 218 -24.89 46.78 15.74
N ASP C 219 -24.83 48.11 15.86
CA ASP C 219 -23.62 48.83 16.26
C ASP C 219 -23.84 49.34 17.67
N LYS C 220 -23.04 48.84 18.61
CA LYS C 220 -23.15 49.21 20.03
C LYS C 220 -21.95 50.07 20.40
N ARG C 221 -22.20 51.29 20.86
CA ARG C 221 -21.14 52.14 21.36
C ARG C 221 -20.79 51.73 22.79
N VAL C 222 -19.50 51.63 23.08
CA VAL C 222 -19.02 51.24 24.40
C VAL C 222 -18.43 52.47 25.07
N GLU C 223 -19.06 52.91 26.17
CA GLU C 223 -18.61 54.10 26.88
C GLU C 223 -18.09 53.74 28.26
N PRO C 224 -17.11 54.49 28.77
CA PRO C 224 -16.59 54.21 30.12
C PRO C 224 -17.67 54.36 31.18
N LYS C 225 -17.49 53.64 32.28
CA LYS C 225 -18.41 53.71 33.40
C LYS C 225 -17.66 53.88 34.72
N ASP D 1 -13.51 0.25 30.37
CA ASP D 1 -12.78 0.52 29.13
C ASP D 1 -11.31 0.84 29.45
N ILE D 2 -10.48 0.85 28.41
CA ILE D 2 -9.09 1.23 28.56
C ILE D 2 -8.99 2.74 28.42
N GLN D 3 -8.47 3.41 29.45
CA GLN D 3 -8.39 4.86 29.50
C GLN D 3 -7.01 5.32 29.04
N MET D 4 -6.98 6.19 28.04
CA MET D 4 -5.74 6.75 27.51
C MET D 4 -5.55 8.17 28.03
N THR D 5 -4.34 8.47 28.50
CA THR D 5 -3.98 9.79 28.99
C THR D 5 -2.74 10.27 28.25
N GLN D 6 -2.53 11.58 28.23
CA GLN D 6 -1.38 12.17 27.54
C GLN D 6 -0.80 13.30 28.36
N SER D 7 0.51 13.53 28.19
CA SER D 7 1.22 14.61 28.84
C SER D 7 2.29 15.14 27.89
N PRO D 8 2.52 16.45 27.84
CA PRO D 8 1.72 17.45 28.56
C PRO D 8 0.42 17.79 27.82
N SER D 9 -0.39 18.72 28.35
CA SER D 9 -1.55 19.19 27.58
C SER D 9 -1.11 20.17 26.48
N THR D 10 -0.21 21.09 26.81
CA THR D 10 0.34 22.04 25.85
C THR D 10 1.86 22.02 25.99
N LEU D 11 2.55 21.83 24.88
CA LEU D 11 4.01 21.73 24.86
C LEU D 11 4.56 22.91 24.05
N SER D 12 5.40 23.71 24.67
CA SER D 12 6.00 24.87 24.03
C SER D 12 7.25 24.44 23.26
N ALA D 13 7.30 24.73 21.95
CA ALA D 13 8.42 24.30 21.15
C ALA D 13 8.75 25.34 20.09
N SER D 14 10.01 25.31 19.64
CA SER D 14 10.48 26.13 18.53
C SER D 14 10.88 25.24 17.37
N VAL D 15 10.82 25.79 16.17
CA VAL D 15 11.29 25.09 14.98
C VAL D 15 12.70 24.57 15.23
N GLY D 16 12.89 23.28 14.95
CA GLY D 16 14.17 22.64 15.15
C GLY D 16 14.30 21.84 16.43
N ASP D 17 13.37 21.99 17.36
CA ASP D 17 13.45 21.26 18.62
C ASP D 17 13.19 19.77 18.41
N ARG D 18 13.88 18.96 19.19
CA ARG D 18 13.50 17.56 19.36
C ARG D 18 12.37 17.51 20.40
N VAL D 19 11.20 17.05 19.98
CA VAL D 19 9.99 17.10 20.79
C VAL D 19 9.53 15.67 21.08
N THR D 20 9.19 15.40 22.33
CA THR D 20 8.58 14.12 22.71
C THR D 20 7.30 14.39 23.48
N ILE D 21 6.26 13.62 23.17
CA ILE D 21 5.02 13.63 23.92
C ILE D 21 4.70 12.20 24.34
N THR D 22 4.10 12.06 25.52
CA THR D 22 3.90 10.77 26.13
C THR D 22 2.42 10.41 26.18
N CYS D 23 2.13 9.12 26.03
CA CYS D 23 0.78 8.58 26.06
C CYS D 23 0.78 7.40 27.01
N ARG D 24 -0.23 7.32 27.87
CA ARG D 24 -0.34 6.25 28.84
C ARG D 24 -1.67 5.53 28.68
N ALA D 25 -1.67 4.23 28.96
CA ALA D 25 -2.87 3.40 28.95
C ALA D 25 -3.13 2.88 30.36
N SER D 26 -4.41 2.79 30.73
CA SER D 26 -4.76 2.33 32.08
C SER D 26 -4.44 0.86 32.29
N GLN D 27 -4.28 0.08 31.21
CA GLN D 27 -3.78 -1.28 31.30
C GLN D 27 -3.01 -1.57 30.02
N SER D 28 -2.31 -2.70 30.00
CA SER D 28 -1.45 -3.01 28.87
C SER D 28 -2.25 -3.11 27.57
N ILE D 29 -1.74 -2.48 26.52
CA ILE D 29 -2.32 -2.59 25.19
C ILE D 29 -1.32 -3.23 24.21
N SER D 30 -0.28 -3.85 24.74
CA SER D 30 0.77 -4.49 23.93
C SER D 30 1.35 -3.41 23.03
N SER D 31 1.35 -3.57 21.71
CA SER D 31 1.87 -2.54 20.81
C SER D 31 0.79 -1.96 19.92
N TRP D 32 -0.48 -2.13 20.30
CA TRP D 32 -1.60 -1.71 19.43
C TRP D 32 -1.95 -0.26 19.74
N LEU D 33 -1.08 0.63 19.26
CA LEU D 33 -1.17 2.05 19.59
C LEU D 33 -0.91 2.84 18.31
N ALA D 34 -1.73 3.87 18.07
CA ALA D 34 -1.58 4.74 16.92
C ALA D 34 -1.47 6.20 17.39
N TRP D 35 -0.83 7.01 16.55
CA TRP D 35 -0.69 8.45 16.77
C TRP D 35 -1.28 9.21 15.59
N TYR D 36 -2.04 10.27 15.89
CA TYR D 36 -2.68 11.11 14.88
C TYR D 36 -2.29 12.56 15.09
N GLN D 37 -2.26 13.31 13.99
CA GLN D 37 -2.11 14.75 14.02
C GLN D 37 -3.45 15.39 13.66
N GLN D 38 -3.77 16.54 14.26
CA GLN D 38 -4.96 17.26 13.86
C GLN D 38 -4.72 18.76 14.00
N LYS D 39 -5.13 19.51 13.00
CA LYS D 39 -5.07 20.96 13.01
C LYS D 39 -6.47 21.54 13.13
N PRO D 40 -6.60 22.79 13.56
CA PRO D 40 -7.94 23.37 13.76
C PRO D 40 -8.79 23.30 12.51
N GLY D 41 -10.03 22.82 12.67
CA GLY D 41 -10.96 22.71 11.57
C GLY D 41 -10.67 21.60 10.58
N LYS D 42 -9.66 20.79 10.80
CA LYS D 42 -9.26 19.76 9.86
C LYS D 42 -9.43 18.38 10.48
N ALA D 43 -9.40 17.38 9.62
CA ALA D 43 -9.58 15.99 10.02
C ALA D 43 -8.27 15.44 10.58
N PRO D 44 -8.34 14.45 11.48
CA PRO D 44 -7.11 13.82 11.97
C PRO D 44 -6.37 13.15 10.83
N LYS D 45 -5.07 12.96 11.04
CA LYS D 45 -4.13 12.41 10.07
C LYS D 45 -3.27 11.36 10.77
N LEU D 46 -3.28 10.14 10.24
CA LEU D 46 -2.52 9.02 10.83
C LEU D 46 -1.02 9.24 10.67
N LEU D 47 -0.29 9.21 11.77
CA LEU D 47 1.17 9.33 11.76
C LEU D 47 1.87 7.99 12.01
N ILE D 48 1.45 7.26 13.04
CA ILE D 48 2.13 6.06 13.51
C ILE D 48 1.08 5.01 13.82
N TYR D 49 1.39 3.75 13.51
CA TYR D 49 0.55 2.64 13.91
C TYR D 49 1.42 1.53 14.48
N LYS D 50 0.79 0.62 15.23
CA LYS D 50 1.50 -0.46 15.91
C LYS D 50 2.68 0.10 16.71
N ALA D 51 2.42 1.20 17.42
CA ALA D 51 3.37 1.85 18.33
C ALA D 51 4.58 2.49 17.63
N SER D 52 5.11 1.87 16.57
CA SER D 52 6.38 2.36 16.02
C SER D 52 6.47 2.33 14.50
N SER D 53 5.40 2.02 13.78
CA SER D 53 5.45 1.93 12.33
C SER D 53 5.02 3.26 11.72
N LEU D 54 5.88 3.83 10.87
CA LEU D 54 5.60 5.10 10.25
C LEU D 54 4.61 4.93 9.10
N GLU D 55 3.51 5.68 9.15
CA GLU D 55 2.53 5.65 8.07
C GLU D 55 3.15 6.21 6.79
N SER D 56 2.84 5.57 5.66
CA SER D 56 3.39 6.01 4.38
C SER D 56 2.98 7.45 4.09
N GLY D 57 3.90 8.21 3.50
CA GLY D 57 3.69 9.62 3.23
C GLY D 57 3.96 10.53 4.40
N VAL D 58 4.22 10.00 5.59
CA VAL D 58 4.51 10.83 6.76
C VAL D 58 6.01 11.09 6.82
N PRO D 59 6.46 12.31 7.11
CA PRO D 59 7.90 12.59 7.15
C PRO D 59 8.64 11.74 8.18
N SER D 60 9.89 11.39 7.85
CA SER D 60 10.70 10.50 8.67
C SER D 60 11.12 11.11 10.00
N ARG D 61 10.99 12.42 10.18
CA ARG D 61 11.24 13.02 11.48
C ARG D 61 10.25 12.57 12.55
N PHE D 62 9.15 11.94 12.16
CA PHE D 62 8.20 11.36 13.10
C PHE D 62 8.57 9.91 13.38
N SER D 63 8.57 9.54 14.66
CA SER D 63 8.81 8.16 15.07
C SER D 63 8.07 7.91 16.36
N GLY D 64 7.70 6.64 16.58
CA GLY D 64 7.01 6.24 17.79
C GLY D 64 7.74 5.10 18.46
N SER D 65 7.55 5.01 19.78
CA SER D 65 8.14 3.93 20.55
C SER D 65 7.28 3.68 21.78
N GLY D 66 7.55 2.58 22.45
CA GLY D 66 6.85 2.20 23.65
C GLY D 66 6.09 0.91 23.48
N SER D 67 5.61 0.41 24.62
CA SER D 67 4.84 -0.82 24.67
CA SER D 67 4.84 -0.82 24.67
C SER D 67 4.18 -0.91 26.03
N GLY D 68 3.16 -1.76 26.12
CA GLY D 68 2.45 -1.93 27.37
C GLY D 68 1.57 -0.73 27.71
N THR D 69 2.03 0.08 28.66
CA THR D 69 1.25 1.22 29.13
C THR D 69 1.94 2.57 28.95
N GLU D 70 3.12 2.61 28.34
CA GLU D 70 3.88 3.85 28.18
C GLU D 70 4.33 3.96 26.73
N PHE D 71 4.04 5.09 26.09
CA PHE D 71 4.32 5.29 24.68
C PHE D 71 4.81 6.70 24.45
N THR D 72 5.63 6.89 23.42
CA THR D 72 6.22 8.20 23.14
C THR D 72 6.18 8.47 21.65
N LEU D 73 5.71 9.66 21.27
CA LEU D 73 5.85 10.18 19.92
C LEU D 73 7.02 11.16 19.90
N THR D 74 7.95 10.97 18.99
CA THR D 74 9.14 11.81 18.87
C THR D 74 9.15 12.52 17.53
N ILE D 75 9.37 13.84 17.56
CA ILE D 75 9.66 14.64 16.36
C ILE D 75 11.10 15.10 16.46
N SER D 76 11.94 14.65 15.55
CA SER D 76 13.38 14.83 15.69
C SER D 76 13.80 16.29 15.50
N SER D 77 13.14 17.00 14.59
CA SER D 77 13.44 18.42 14.34
C SER D 77 12.13 19.08 13.92
N LEU D 78 11.48 19.74 14.87
CA LEU D 78 10.13 20.25 14.65
C LEU D 78 10.12 21.27 13.52
N GLN D 79 9.15 21.12 12.62
CA GLN D 79 8.97 22.02 11.49
C GLN D 79 7.69 22.82 11.66
N PRO D 80 7.58 23.96 10.96
CA PRO D 80 6.40 24.82 11.12
C PRO D 80 5.07 24.11 10.97
N ASP D 81 4.94 23.17 10.04
CA ASP D 81 3.63 22.54 9.91
C ASP D 81 3.39 21.47 10.97
N ASP D 82 4.30 21.30 11.91
CA ASP D 82 4.10 20.36 13.01
C ASP D 82 3.40 20.99 14.21
N PHE D 83 3.28 22.32 14.26
CA PHE D 83 2.51 22.94 15.34
C PHE D 83 1.05 22.53 15.17
N ALA D 84 0.54 21.73 16.09
CA ALA D 84 -0.75 21.07 15.94
C ALA D 84 -1.05 20.34 17.25
N THR D 85 -2.15 19.60 17.26
CA THR D 85 -2.52 18.74 18.36
C THR D 85 -2.33 17.29 17.92
N TYR D 86 -1.87 16.45 18.86
CA TYR D 86 -1.53 15.06 18.61
C TYR D 86 -2.31 14.16 19.55
N TYR D 87 -2.95 13.12 19.00
CA TYR D 87 -3.73 12.15 19.76
C TYR D 87 -3.14 10.76 19.65
N CYS D 88 -3.10 10.03 20.76
CA CYS D 88 -2.84 8.59 20.70
C CYS D 88 -4.15 7.83 20.76
N GLN D 89 -4.12 6.59 20.29
CA GLN D 89 -5.34 5.78 20.23
C GLN D 89 -4.97 4.31 20.35
N GLN D 90 -5.62 3.61 21.28
CA GLN D 90 -5.37 2.19 21.43
C GLN D 90 -6.42 1.40 20.65
N TYR D 91 -6.01 0.22 20.16
CA TYR D 91 -6.94 -0.69 19.52
C TYR D 91 -6.65 -2.11 19.96
N ASN D 92 -6.29 -2.27 21.22
CA ASN D 92 -6.19 -3.59 21.83
C ASN D 92 -7.56 -4.09 22.29
N SER D 93 -8.38 -3.20 22.83
CA SER D 93 -9.72 -3.56 23.28
C SER D 93 -10.66 -2.41 22.97
N TYR D 94 -11.49 -2.59 21.95
CA TYR D 94 -12.31 -1.52 21.36
C TYR D 94 -11.36 -0.41 20.90
N PHE D 95 -11.79 0.86 20.95
CA PHE D 95 -11.03 1.96 20.37
C PHE D 95 -11.25 3.20 21.23
N THR D 96 -10.19 3.66 21.91
CA THR D 96 -10.27 4.85 22.74
C THR D 96 -9.08 5.75 22.46
N PHE D 97 -9.30 7.06 22.57
CA PHE D 97 -8.30 8.07 22.27
C PHE D 97 -7.85 8.77 23.55
N GLY D 98 -6.61 9.25 23.51
CA GLY D 98 -6.13 10.15 24.53
C GLY D 98 -6.73 11.53 24.38
N PRO D 99 -6.53 12.36 25.42
CA PRO D 99 -7.12 13.72 25.39
C PRO D 99 -6.44 14.66 24.41
N GLY D 100 -5.25 14.33 23.93
CA GLY D 100 -4.55 15.16 22.98
C GLY D 100 -3.52 16.05 23.64
N THR D 101 -2.42 16.28 22.92
CA THR D 101 -1.36 17.18 23.35
C THR D 101 -1.13 18.21 22.25
N LYS D 102 -1.28 19.48 22.58
CA LYS D 102 -1.05 20.56 21.63
C LYS D 102 0.40 21.03 21.70
N VAL D 103 1.04 21.14 20.54
CA VAL D 103 2.38 21.71 20.42
C VAL D 103 2.22 23.11 19.84
N ASP D 104 2.53 24.13 20.63
CA ASP D 104 2.43 25.51 20.17
C ASP D 104 3.82 26.13 20.10
N ILE D 105 3.86 27.40 19.72
CA ILE D 105 5.11 28.06 19.37
C ILE D 105 5.67 28.76 20.59
N LYS D 106 6.91 28.43 20.93
CA LYS D 106 7.53 28.99 22.11
C LYS D 106 7.91 30.45 21.90
N ARG D 107 7.67 31.26 22.94
CA ARG D 107 8.14 32.64 23.03
C ARG D 107 8.39 32.93 24.50
N THR D 108 8.86 34.15 24.78
CA THR D 108 9.16 34.50 26.17
C THR D 108 7.88 34.48 27.01
N VAL D 109 8.05 34.19 28.29
CA VAL D 109 6.92 34.21 29.21
C VAL D 109 6.30 35.60 29.22
N ALA D 110 4.97 35.64 29.19
CA ALA D 110 4.21 36.88 29.25
C ALA D 110 3.09 36.71 30.26
N ALA D 111 3.10 37.53 31.31
CA ALA D 111 2.05 37.49 32.31
C ALA D 111 0.77 38.12 31.74
N PRO D 112 -0.39 37.55 32.05
CA PRO D 112 -1.64 38.15 31.55
C PRO D 112 -1.94 39.46 32.25
N SER D 113 -2.51 40.41 31.50
CA SER D 113 -3.16 41.57 32.06
C SER D 113 -4.61 41.20 32.37
N VAL D 114 -5.00 41.33 33.63
CA VAL D 114 -6.28 40.82 34.11
C VAL D 114 -7.27 41.98 34.24
N PHE D 115 -8.46 41.81 33.69
CA PHE D 115 -9.53 42.80 33.79
C PHE D 115 -10.82 42.10 34.19
N ILE D 116 -11.63 42.77 34.99
CA ILE D 116 -12.94 42.24 35.36
C ILE D 116 -13.99 43.27 34.98
N PHE D 117 -15.09 42.78 34.41
CA PHE D 117 -16.19 43.63 33.95
C PHE D 117 -17.46 43.27 34.71
N PRO D 118 -18.03 44.18 35.49
CA PRO D 118 -19.33 43.93 36.11
C PRO D 118 -20.41 43.82 35.03
N PRO D 119 -21.55 43.21 35.36
CA PRO D 119 -22.67 43.21 34.41
C PRO D 119 -23.11 44.64 34.09
N SER D 120 -23.47 44.86 32.84
CA SER D 120 -23.97 46.17 32.44
C SER D 120 -25.37 46.39 33.00
N ASP D 121 -25.72 47.67 33.20
CA ASP D 121 -27.08 47.99 33.63
C ASP D 121 -28.11 47.54 32.62
N GLU D 122 -27.74 47.53 31.33
CA GLU D 122 -28.66 47.08 30.30
C GLU D 122 -29.02 45.61 30.48
N GLN D 123 -28.02 44.77 30.77
CA GLN D 123 -28.30 43.35 30.95
C GLN D 123 -29.10 43.10 32.23
N LEU D 124 -28.79 43.82 33.30
CA LEU D 124 -29.54 43.66 34.54
C LEU D 124 -31.02 43.95 34.35
N LYS D 125 -31.36 44.84 33.40
CA LYS D 125 -32.78 45.05 33.06
C LYS D 125 -33.37 43.82 32.42
N SER D 126 -32.58 43.07 31.64
CA SER D 126 -33.08 41.86 30.98
C SER D 126 -33.29 40.71 31.94
N GLY D 127 -32.76 40.78 33.16
CA GLY D 127 -32.96 39.74 34.15
C GLY D 127 -31.81 38.78 34.36
N THR D 128 -30.64 39.06 33.80
CA THR D 128 -29.48 38.18 33.95
C THR D 128 -28.25 39.05 34.19
N ALA D 129 -27.21 38.43 34.78
CA ALA D 129 -25.98 39.12 35.09
C ALA D 129 -24.80 38.28 34.64
N SER D 130 -24.00 38.81 33.74
CA SER D 130 -22.77 38.16 33.29
C SER D 130 -21.59 38.97 33.80
N VAL D 131 -20.73 38.32 34.58
CA VAL D 131 -19.47 38.89 35.02
C VAL D 131 -18.37 38.29 34.15
N VAL D 132 -17.56 39.15 33.53
CA VAL D 132 -16.54 38.71 32.58
C VAL D 132 -15.17 39.03 33.16
N CYS D 133 -14.30 38.01 33.20
CA CYS D 133 -12.91 38.19 33.57
C CYS D 133 -12.04 37.97 32.33
N LEU D 134 -11.11 38.88 32.08
CA LEU D 134 -10.30 38.85 30.87
C LEU D 134 -8.83 38.67 31.24
N LEU D 135 -8.20 37.64 30.68
CA LEU D 135 -6.75 37.42 30.78
C LEU D 135 -6.18 37.71 29.40
N ASN D 136 -5.48 38.82 29.26
CA ASN D 136 -5.08 39.32 27.95
C ASN D 136 -3.59 39.12 27.69
N ASN D 137 -3.27 38.57 26.52
CA ASN D 137 -1.92 38.57 25.98
C ASN D 137 -0.92 37.89 26.91
N PHE D 138 -1.12 36.60 27.15
CA PHE D 138 -0.23 35.83 28.02
C PHE D 138 0.36 34.63 27.28
N TYR D 139 1.45 34.10 27.85
CA TYR D 139 2.12 32.90 27.36
C TYR D 139 2.97 32.38 28.50
N PRO D 140 3.04 31.05 28.74
CA PRO D 140 2.40 29.93 28.02
C PRO D 140 0.88 29.83 28.21
N ARG D 141 0.30 28.77 27.64
CA ARG D 141 -1.15 28.61 27.63
C ARG D 141 -1.70 28.40 29.04
N GLU D 142 -0.96 27.72 29.89
CA GLU D 142 -1.48 27.26 31.18
C GLU D 142 -1.83 28.44 32.08
N ALA D 143 -3.07 28.46 32.57
CA ALA D 143 -3.53 29.54 33.44
C ALA D 143 -4.72 29.04 34.24
N LYS D 144 -4.74 29.34 35.53
CA LYS D 144 -5.84 28.97 36.41
C LYS D 144 -6.65 30.21 36.74
N VAL D 145 -7.97 30.11 36.55
CA VAL D 145 -8.90 31.18 36.88
C VAL D 145 -9.84 30.66 37.95
N GLN D 146 -9.97 31.39 39.04
CA GLN D 146 -10.86 31.04 40.13
C GLN D 146 -11.83 32.19 40.39
N TRP D 147 -13.11 31.86 40.46
CA TRP D 147 -14.15 32.83 40.75
C TRP D 147 -14.54 32.74 42.22
N LYS D 148 -14.71 33.90 42.85
CA LYS D 148 -15.14 33.97 44.25
C LYS D 148 -16.25 35.00 44.36
N VAL D 149 -17.36 34.60 45.00
CA VAL D 149 -18.51 35.47 45.22
C VAL D 149 -18.74 35.49 46.72
N ASP D 150 -18.46 36.64 47.35
CA ASP D 150 -18.45 36.76 48.81
C ASP D 150 -17.64 35.63 49.45
N ASN D 151 -16.42 35.43 48.94
CA ASN D 151 -15.44 34.46 49.41
C ASN D 151 -15.84 33.02 49.15
N ALA D 152 -16.91 32.77 48.42
CA ALA D 152 -17.32 31.41 48.09
C ALA D 152 -16.73 31.03 46.74
N LEU D 153 -15.93 29.97 46.72
CA LEU D 153 -15.31 29.51 45.48
C LEU D 153 -16.37 28.92 44.56
N GLN D 154 -16.44 29.41 43.32
CA GLN D 154 -17.39 28.89 42.35
C GLN D 154 -16.84 27.64 41.68
N SER D 155 -17.68 26.63 41.52
CA SER D 155 -17.28 25.40 40.84
C SER D 155 -18.34 25.01 39.82
N GLY D 156 -17.95 24.97 38.55
CA GLY D 156 -18.86 24.61 37.48
C GLY D 156 -19.80 25.70 37.07
N ASN D 157 -19.56 26.95 37.46
CA ASN D 157 -20.50 28.04 37.26
C ASN D 157 -20.03 29.03 36.19
N SER D 158 -18.94 28.74 35.50
CA SER D 158 -18.37 29.67 34.53
C SER D 158 -17.90 28.92 33.30
N GLN D 159 -17.72 29.66 32.21
CA GLN D 159 -17.27 29.08 30.95
C GLN D 159 -16.11 29.91 30.40
N GLU D 160 -15.14 29.22 29.80
CA GLU D 160 -13.94 29.87 29.28
C GLU D 160 -13.90 29.80 27.77
N SER D 161 -13.24 30.80 27.16
CA SER D 161 -12.99 30.84 25.73
C SER D 161 -11.61 31.46 25.51
N VAL D 162 -10.91 31.00 24.47
CA VAL D 162 -9.52 31.35 24.25
C VAL D 162 -9.31 31.74 22.80
N THR D 163 -8.53 32.80 22.57
CA THR D 163 -8.00 33.11 21.24
C THR D 163 -6.58 32.60 21.14
N GLU D 164 -6.26 31.99 20.00
CA GLU D 164 -5.04 31.22 19.81
C GLU D 164 -3.95 32.03 19.13
N GLN D 165 -2.74 31.47 19.13
CA GLN D 165 -1.66 32.03 18.34
C GLN D 165 -2.03 32.01 16.86
N ASP D 166 -1.80 33.12 16.16
CA ASP D 166 -2.13 33.18 14.75
C ASP D 166 -1.14 34.12 14.05
N SER D 167 -1.51 34.59 12.86
CA SER D 167 -0.58 35.37 12.07
C SER D 167 -0.25 36.71 12.72
N LYS D 168 -1.10 37.18 13.64
CA LYS D 168 -0.91 38.48 14.27
C LYS D 168 -0.69 38.41 15.77
N ASP D 169 -0.80 37.23 16.38
CA ASP D 169 -0.77 37.11 17.83
C ASP D 169 0.23 36.04 18.22
N SER D 170 1.18 36.40 19.10
CA SER D 170 2.11 35.44 19.65
C SER D 170 1.66 34.88 20.99
N THR D 171 0.60 35.44 21.55
CA THR D 171 0.12 35.11 22.89
C THR D 171 -1.32 34.62 22.84
N TYR D 172 -1.80 34.13 23.98
CA TYR D 172 -3.20 33.78 24.18
C TYR D 172 -3.93 34.89 24.91
N SER D 173 -5.23 35.00 24.64
CA SER D 173 -6.14 35.73 25.52
C SER D 173 -7.26 34.78 25.91
N LEU D 174 -7.80 35.00 27.11
CA LEU D 174 -8.79 34.10 27.67
C LEU D 174 -9.88 34.90 28.36
N SER D 175 -11.12 34.51 28.13
CA SER D 175 -12.26 35.05 28.86
C SER D 175 -12.86 33.97 29.73
N SER D 176 -13.22 34.34 30.96
CA SER D 176 -14.01 33.48 31.84
C SER D 176 -15.28 34.25 32.20
N THR D 177 -16.44 33.68 31.88
CA THR D 177 -17.71 34.35 32.07
C THR D 177 -18.49 33.63 33.16
N LEU D 178 -18.84 34.37 34.21
CA LEU D 178 -19.65 33.86 35.30
C LEU D 178 -21.06 34.42 35.13
N THR D 179 -22.02 33.54 34.82
CA THR D 179 -23.38 33.95 34.53
C THR D 179 -24.29 33.63 35.71
N LEU D 180 -25.01 34.64 36.19
CA LEU D 180 -25.91 34.48 37.32
C LEU D 180 -27.27 35.09 36.99
N SER D 181 -28.30 34.65 37.70
CA SER D 181 -29.56 35.37 37.65
C SER D 181 -29.39 36.74 38.29
N LYS D 182 -30.23 37.69 37.88
CA LYS D 182 -30.18 39.02 38.49
C LYS D 182 -30.47 38.92 39.99
N ALA D 183 -31.45 38.10 40.37
CA ALA D 183 -31.77 37.95 41.78
C ALA D 183 -30.56 37.48 42.58
N ASP D 184 -29.82 36.51 42.04
CA ASP D 184 -28.65 36.03 42.76
C ASP D 184 -27.53 37.07 42.76
N TYR D 185 -27.36 37.78 41.64
CA TYR D 185 -26.33 38.80 41.57
C TYR D 185 -26.56 39.89 42.61
N GLU D 186 -27.82 40.26 42.86
CA GLU D 186 -28.13 41.27 43.85
C GLU D 186 -28.01 40.77 45.27
N LYS D 187 -27.97 39.46 45.48
CA LYS D 187 -27.81 38.89 46.82
C LYS D 187 -26.39 39.01 47.35
N HIS D 188 -25.41 39.30 46.50
CA HIS D 188 -24.01 39.23 46.90
C HIS D 188 -23.30 40.53 46.54
N LYS D 189 -22.19 40.76 47.23
CA LYS D 189 -21.46 42.02 47.18
C LYS D 189 -20.12 41.93 46.45
N VAL D 190 -19.24 41.01 46.86
CA VAL D 190 -17.86 41.01 46.40
C VAL D 190 -17.69 39.93 45.33
N TYR D 191 -17.33 40.36 44.12
CA TYR D 191 -17.09 39.47 42.99
C TYR D 191 -15.62 39.56 42.63
N ALA D 192 -14.91 38.43 42.68
CA ALA D 192 -13.46 38.42 42.51
C ALA D 192 -13.04 37.36 41.51
N CYS D 193 -12.05 37.71 40.69
CA CYS D 193 -11.43 36.81 39.73
C CYS D 193 -9.96 36.69 40.10
N GLU D 194 -9.52 35.46 40.41
CA GLU D 194 -8.14 35.20 40.83
C GLU D 194 -7.42 34.41 39.75
N VAL D 195 -6.28 34.92 39.31
CA VAL D 195 -5.56 34.38 38.16
C VAL D 195 -4.18 33.91 38.60
N THR D 196 -3.84 32.67 38.24
CA THR D 196 -2.53 32.09 38.48
C THR D 196 -1.87 31.78 37.15
N HIS D 197 -0.63 32.24 36.97
CA HIS D 197 0.07 32.06 35.71
C HIS D 197 1.56 32.28 35.96
N GLN D 198 2.40 31.49 35.28
CA GLN D 198 3.80 31.45 35.63
C GLN D 198 4.51 32.79 35.41
N GLY D 199 3.89 33.73 34.71
CA GLY D 199 4.48 35.05 34.59
C GLY D 199 4.26 35.96 35.78
N LEU D 200 3.40 35.55 36.72
CA LEU D 200 3.10 36.35 37.89
C LEU D 200 3.81 35.77 39.10
N SER D 201 4.44 36.64 39.91
CA SER D 201 5.13 36.14 41.09
C SER D 201 4.15 35.63 42.14
N SER D 202 2.92 36.13 42.13
CA SER D 202 1.85 35.71 43.01
C SER D 202 0.56 35.78 42.22
N PRO D 203 -0.45 35.01 42.61
CA PRO D 203 -1.76 35.12 41.95
C PRO D 203 -2.30 36.54 42.02
N VAL D 204 -2.88 37.00 40.92
CA VAL D 204 -3.47 38.33 40.85
C VAL D 204 -4.98 38.21 40.98
N THR D 205 -5.56 39.00 41.87
CA THR D 205 -7.00 39.03 42.08
C THR D 205 -7.54 40.38 41.63
N LYS D 206 -8.56 40.36 40.78
CA LYS D 206 -9.29 41.54 40.37
C LYS D 206 -10.73 41.40 40.84
N SER D 207 -11.23 42.41 41.54
CA SER D 207 -12.53 42.33 42.18
C SER D 207 -13.27 43.66 42.09
N PHE D 208 -14.58 43.59 42.31
CA PHE D 208 -15.41 44.78 42.48
C PHE D 208 -16.49 44.47 43.49
N ASN D 209 -17.04 45.54 44.08
CA ASN D 209 -18.24 45.47 44.90
C ASN D 209 -19.43 45.92 44.07
N ARG D 210 -20.50 45.12 44.10
CA ARG D 210 -21.69 45.46 43.35
C ARG D 210 -22.22 46.82 43.77
N GLY D 211 -22.44 47.71 42.79
CA GLY D 211 -22.87 49.06 43.07
C GLY D 211 -21.75 50.07 43.15
N GLU D 212 -20.60 49.78 42.55
CA GLU D 212 -19.44 50.68 42.55
C GLU D 212 -19.02 51.10 43.95
N ASN E 3 -15.22 -10.43 18.49
CA ASN E 3 -14.05 -9.58 18.68
C ASN E 3 -14.14 -8.31 17.82
N PRO E 4 -14.39 -7.16 18.46
CA PRO E 4 -14.45 -5.91 17.70
C PRO E 4 -13.11 -5.48 17.12
N ASN E 5 -12.00 -5.98 17.68
CA ASN E 5 -10.67 -5.68 17.18
C ASN E 5 -10.18 -6.71 16.17
N ALA E 6 -11.06 -7.57 15.68
CA ALA E 6 -10.68 -8.48 14.61
C ALA E 6 -10.55 -7.71 13.30
N ASN E 7 -9.90 -8.35 12.33
CA ASN E 7 -9.61 -7.72 11.05
C ASN E 7 -10.91 -7.47 10.27
N PRO E 8 -11.30 -6.22 10.04
CA PRO E 8 -12.55 -5.94 9.32
C PRO E 8 -12.40 -5.78 7.82
N ASN E 9 -11.18 -5.94 7.30
CA ASN E 9 -10.90 -5.79 5.88
C ASN E 9 -10.92 -7.14 5.19
N ALA E 10 -11.12 -7.10 3.87
CA ALA E 10 -10.94 -8.31 3.07
C ALA E 10 -9.49 -8.77 3.17
N ASN E 11 -9.30 -10.05 3.44
CA ASN E 11 -7.97 -10.60 3.72
C ASN E 11 -7.72 -11.78 2.79
N PRO E 12 -7.04 -11.59 1.66
CA PRO E 12 -6.67 -12.72 0.81
C PRO E 12 -5.71 -13.67 1.48
N ASN E 13 -5.02 -13.24 2.54
CA ASN E 13 -4.05 -14.07 3.23
C ASN E 13 -4.64 -14.77 4.45
N ALA E 14 -5.95 -14.67 4.65
CA ALA E 14 -6.61 -15.45 5.69
C ALA E 14 -6.59 -16.92 5.34
N ASN E 15 -6.92 -17.75 6.32
CA ASN E 15 -6.91 -19.20 6.12
C ASN E 15 -8.01 -19.60 5.14
N PRO E 16 -7.68 -20.20 4.00
CA PRO E 16 -8.71 -20.65 3.06
C PRO E 16 -9.09 -22.12 3.19
N ASN E 17 -8.47 -22.85 4.11
CA ASN E 17 -8.75 -24.26 4.31
C ASN E 17 -9.89 -24.44 5.32
N ALA E 18 -10.43 -25.66 5.36
CA ALA E 18 -11.54 -25.95 6.26
C ALA E 18 -11.09 -25.98 7.71
N ASN E 19 -9.86 -26.40 7.97
CA ASN E 19 -9.30 -26.50 9.29
C ASN E 19 -8.18 -25.47 9.48
N PRO E 20 -7.82 -25.15 10.72
CA PRO E 20 -6.75 -24.16 10.94
C PRO E 20 -5.42 -24.58 10.34
#